data_3PQF
#
_entry.id   3PQF
#
_cell.length_a   133.431
_cell.length_b   133.431
_cell.length_c   99.088
_cell.angle_alpha   90.00
_cell.angle_beta   90.00
_cell.angle_gamma   120.00
#
_symmetry.space_group_name_H-M   'P 31'
#
loop_
_entity.id
_entity.type
_entity.pdbx_description
1 polymer 'L-lactate dehydrogenase'
2 non-polymer NICOTINAMIDE-ADENINE-DINUCLEOTIDE
3 water water
#
_entity_poly.entity_id   1
_entity_poly.type   'polypeptide(L)'
_entity_poly.pdbx_seq_one_letter_code
;MNKHVNKVALIGAGFVGSSYAFALINQGITDELVVIDVNKEKAMGDVMDLNHGKAFAPQPVKTSYGTYEDCKDADIVCIC
AGANQKPGETRLELVEKNLKIFKGIVSEVMASGFDGIFLVATNPVDILTYATWKFSGLPKERVIGSGTTLDSARFRFMLS
EYFGAAPQNVCAHIIGEHGDTELPVWSHANVGGVPVSELVEKNDAYKQEELDQIVDDVKNAAYHIIEKKGATYYGVAMSL
ARITKAILHNENSILTVSTYLDGQYGADDVYIGVPAVVNRGGIAGITELNLNEKEKEQFLHSAGVLKNILKPHFAEQKVN
HHHHHH
;
_entity_poly.pdbx_strand_id   A,B,C,D
#
loop_
_chem_comp.id
_chem_comp.type
_chem_comp.name
_chem_comp.formula
NAD non-polymer NICOTINAMIDE-ADENINE-DINUCLEOTIDE 'C21 H27 N7 O14 P2'
#
# COMPACT_ATOMS: atom_id res chain seq x y z
N ASN A 2 -16.54 14.32 -9.84
CA ASN A 2 -16.01 14.37 -8.48
C ASN A 2 -16.88 13.68 -7.37
N LYS A 3 -17.67 12.68 -7.75
CA LYS A 3 -18.42 11.88 -6.77
C LYS A 3 -17.64 10.62 -6.34
N HIS A 4 -17.08 9.91 -7.32
CA HIS A 4 -16.22 8.78 -7.02
C HIS A 4 -14.74 9.12 -7.26
N VAL A 5 -14.44 10.36 -7.65
CA VAL A 5 -13.05 10.74 -7.94
C VAL A 5 -12.61 12.11 -7.46
N ASN A 6 -11.39 12.14 -6.91
CA ASN A 6 -10.79 13.36 -6.42
C ASN A 6 -10.01 14.09 -7.50
N LYS A 7 -10.13 15.41 -7.49
CA LYS A 7 -9.43 16.26 -8.44
C LYS A 7 -8.68 17.37 -7.72
N VAL A 8 -7.47 17.63 -8.18
CA VAL A 8 -6.65 18.71 -7.64
C VAL A 8 -6.32 19.67 -8.76
N ALA A 9 -6.53 20.97 -8.54
CA ALA A 9 -6.08 21.96 -9.50
C ALA A 9 -4.84 22.62 -8.92
N LEU A 10 -3.78 22.67 -9.70
CA LEU A 10 -2.53 23.26 -9.23
C LEU A 10 -2.31 24.52 -10.02
N ILE A 11 -2.12 25.63 -9.32
CA ILE A 11 -1.87 26.90 -9.98
C ILE A 11 -0.45 27.34 -9.73
N GLY A 12 0.36 27.29 -10.79
CA GLY A 12 1.78 27.60 -10.73
C GLY A 12 2.62 26.34 -10.91
N ALA A 13 3.27 26.22 -12.07
CA ALA A 13 4.05 25.02 -12.40
C ALA A 13 5.58 25.24 -12.41
N GLY A 14 6.10 25.96 -11.42
CA GLY A 14 7.54 25.99 -11.23
C GLY A 14 8.04 24.78 -10.45
N PHE A 15 9.17 24.92 -9.78
CA PHE A 15 9.79 23.82 -9.06
C PHE A 15 8.90 23.21 -7.99
N VAL A 16 8.32 24.04 -7.15
CA VAL A 16 7.44 23.51 -6.12
C VAL A 16 6.28 22.80 -6.78
N GLY A 17 5.54 23.51 -7.62
CA GLY A 17 4.34 22.98 -8.24
C GLY A 17 4.53 21.65 -8.94
N SER A 18 5.52 21.59 -9.82
CA SER A 18 5.87 20.33 -10.51
C SER A 18 6.29 19.17 -9.61
N SER A 19 7.12 19.45 -8.61
CA SER A 19 7.54 18.41 -7.66
C SER A 19 6.35 17.93 -6.87
N TYR A 20 5.46 18.86 -6.56
CA TYR A 20 4.23 18.52 -5.88
C TYR A 20 3.42 17.59 -6.76
N ALA A 21 3.29 17.92 -8.04
CA ALA A 21 2.50 17.08 -8.94
C ALA A 21 3.13 15.68 -8.99
N PHE A 22 4.44 15.64 -9.21
CA PHE A 22 5.17 14.38 -9.25
C PHE A 22 4.92 13.57 -7.99
N ALA A 23 4.95 14.22 -6.83
CA ALA A 23 4.63 13.53 -5.58
C ALA A 23 3.21 12.96 -5.53
N LEU A 24 2.21 13.73 -5.93
CA LEU A 24 0.83 13.21 -5.92
C LEU A 24 0.75 11.95 -6.79
N ILE A 25 1.39 11.99 -7.94
CA ILE A 25 1.38 10.86 -8.85
C ILE A 25 2.14 9.64 -8.30
N ASN A 26 3.34 9.85 -7.78
CA ASN A 26 4.11 8.76 -7.21
C ASN A 26 3.46 8.13 -6.01
N GLN A 27 2.69 8.91 -5.25
CA GLN A 27 2.04 8.38 -4.04
C GLN A 27 0.61 7.93 -4.26
N GLY A 28 0.05 8.18 -5.43
CA GLY A 28 -1.32 7.76 -5.73
C GLY A 28 -2.37 8.46 -4.89
N ILE A 29 -2.17 9.75 -4.66
CA ILE A 29 -3.03 10.53 -3.77
C ILE A 29 -4.32 11.05 -4.43
N THR A 30 -4.23 11.45 -5.69
CA THR A 30 -5.40 12.00 -6.35
C THR A 30 -5.73 11.20 -7.60
N ASP A 31 -6.97 11.31 -8.07
CA ASP A 31 -7.39 10.67 -9.33
C ASP A 31 -7.08 11.56 -10.53
N GLU A 32 -7.32 12.86 -10.39
CA GLU A 32 -7.10 13.83 -11.47
C GLU A 32 -6.30 15.03 -11.00
N LEU A 33 -5.50 15.56 -11.89
CA LEU A 33 -4.74 16.74 -11.59
C LEU A 33 -4.83 17.65 -12.80
N VAL A 34 -5.10 18.94 -12.56
CA VAL A 34 -5.02 19.91 -13.63
C VAL A 34 -3.98 20.97 -13.30
N VAL A 35 -3.14 21.28 -14.28
CA VAL A 35 -2.08 22.24 -14.09
C VAL A 35 -2.42 23.54 -14.82
N ILE A 36 -2.37 24.66 -14.09
CA ILE A 36 -2.72 25.99 -14.60
C ILE A 36 -1.55 26.95 -14.47
N ASP A 37 -1.10 27.50 -15.60
CA ASP A 37 0.06 28.36 -15.63
C ASP A 37 0.14 29.05 -16.98
N VAL A 38 0.22 30.36 -16.97
CA VAL A 38 0.29 31.16 -18.19
C VAL A 38 1.55 30.90 -19.01
N ASN A 39 2.63 30.49 -18.36
CA ASN A 39 3.80 29.97 -19.09
C ASN A 39 3.48 28.61 -19.72
N LYS A 40 2.90 28.65 -20.92
CA LYS A 40 2.28 27.47 -21.51
C LYS A 40 3.24 26.38 -21.97
N GLU A 41 4.40 26.78 -22.50
CA GLU A 41 5.36 25.80 -23.01
C GLU A 41 5.98 24.96 -21.89
N LYS A 42 6.43 25.60 -20.82
CA LYS A 42 6.95 24.85 -19.68
C LYS A 42 5.84 23.99 -19.04
N ALA A 43 4.66 24.55 -18.85
CA ALA A 43 3.62 23.80 -18.15
C ALA A 43 3.05 22.65 -18.98
N MET A 44 2.84 22.85 -20.27
CA MET A 44 2.40 21.71 -21.09
C MET A 44 3.50 20.67 -21.20
N GLY A 45 4.76 21.14 -21.20
CA GLY A 45 5.91 20.24 -21.22
C GLY A 45 5.86 19.33 -20.02
N ASP A 46 5.69 19.92 -18.83
CA ASP A 46 5.58 19.15 -17.61
C ASP A 46 4.37 18.20 -17.60
N VAL A 47 3.21 18.67 -18.02
CA VAL A 47 2.02 17.82 -18.04
C VAL A 47 2.29 16.60 -18.93
N MET A 48 2.93 16.84 -20.08
CA MET A 48 3.22 15.78 -21.04
C MET A 48 4.25 14.81 -20.47
N ASP A 49 5.26 15.35 -19.79
CA ASP A 49 6.29 14.55 -19.14
C ASP A 49 5.70 13.67 -18.02
N LEU A 50 4.75 14.24 -17.27
CA LEU A 50 4.11 13.51 -16.19
C LEU A 50 3.18 12.44 -16.74
N ASN A 51 2.60 12.67 -17.92
CA ASN A 51 1.74 11.64 -18.50
C ASN A 51 2.55 10.53 -19.10
N HIS A 52 3.73 10.89 -19.57
CA HIS A 52 4.65 9.98 -20.24
C HIS A 52 4.82 8.71 -19.43
N GLY A 53 5.02 8.86 -18.12
CA GLY A 53 5.20 7.71 -17.25
C GLY A 53 4.03 7.29 -16.40
N LYS A 54 2.80 7.63 -16.79
CA LYS A 54 1.66 7.34 -15.92
C LYS A 54 1.46 5.83 -15.74
N ALA A 55 1.89 5.06 -16.73
CA ALA A 55 1.76 3.61 -16.65
C ALA A 55 2.46 2.98 -15.45
N PHE A 56 3.48 3.67 -14.92
CA PHE A 56 4.22 3.16 -13.77
C PHE A 56 3.74 3.62 -12.38
N ALA A 57 2.77 4.53 -12.35
CA ALA A 57 2.26 5.03 -11.09
C ALA A 57 1.38 3.96 -10.47
N PRO A 58 1.32 3.93 -9.13
CA PRO A 58 0.52 2.94 -8.41
C PRO A 58 -0.96 2.96 -8.81
N GLN A 59 -1.51 4.14 -9.09
CA GLN A 59 -2.88 4.27 -9.57
C GLN A 59 -2.86 5.20 -10.78
N PRO A 60 -3.78 5.00 -11.72
CA PRO A 60 -3.77 5.85 -12.92
C PRO A 60 -4.17 7.27 -12.55
N VAL A 61 -3.36 8.25 -12.95
CA VAL A 61 -3.71 9.64 -12.69
C VAL A 61 -3.89 10.37 -14.01
N LYS A 62 -5.02 11.05 -14.15
CA LYS A 62 -5.26 11.83 -15.35
C LYS A 62 -4.71 13.25 -15.15
N THR A 63 -3.67 13.61 -15.89
CA THR A 63 -3.06 14.93 -15.76
C THR A 63 -3.31 15.80 -17.00
N SER A 64 -3.74 17.05 -16.78
CA SER A 64 -3.99 17.95 -17.91
C SER A 64 -3.52 19.37 -17.70
N TYR A 65 -3.30 20.06 -18.82
CA TYR A 65 -3.09 21.49 -18.83
C TYR A 65 -4.44 22.21 -19.02
N GLY A 66 -4.74 23.20 -18.19
CA GLY A 66 -5.99 23.93 -18.33
C GLY A 66 -5.92 25.34 -17.78
N THR A 67 -7.08 25.96 -17.57
CA THR A 67 -7.07 27.27 -16.92
C THR A 67 -8.13 27.32 -15.85
N TYR A 68 -8.46 28.53 -15.39
CA TYR A 68 -9.34 28.66 -14.23
C TYR A 68 -10.67 27.94 -14.36
N GLU A 69 -11.26 27.93 -15.56
CA GLU A 69 -12.56 27.30 -15.74
C GLU A 69 -12.50 25.82 -15.36
N ASP A 70 -11.31 25.25 -15.43
CA ASP A 70 -11.15 23.82 -15.19
C ASP A 70 -11.10 23.54 -13.69
N CYS A 71 -11.27 24.58 -12.88
CA CYS A 71 -11.29 24.43 -11.43
C CYS A 71 -12.68 24.11 -10.93
N LYS A 72 -13.68 24.25 -11.79
CA LYS A 72 -15.06 24.16 -11.34
C LYS A 72 -15.31 22.94 -10.45
N ASP A 73 -14.77 21.79 -10.85
CA ASP A 73 -15.07 20.55 -10.16
C ASP A 73 -13.91 20.01 -9.30
N ALA A 74 -12.86 20.81 -9.13
CA ALA A 74 -11.76 20.45 -8.24
C ALA A 74 -12.17 20.39 -6.77
N ASP A 75 -11.61 19.43 -6.05
CA ASP A 75 -11.81 19.37 -4.61
C ASP A 75 -10.88 20.34 -3.92
N ILE A 76 -9.71 20.50 -4.51
CA ILE A 76 -8.66 21.32 -3.93
C ILE A 76 -8.06 22.19 -5.00
N VAL A 77 -7.80 23.44 -4.65
CA VAL A 77 -6.96 24.28 -5.48
C VAL A 77 -5.71 24.59 -4.68
N CYS A 78 -4.56 24.33 -5.27
CA CYS A 78 -3.29 24.53 -4.58
C CYS A 78 -2.51 25.62 -5.30
N ILE A 79 -2.26 26.71 -4.60
CA ILE A 79 -1.62 27.84 -5.23
C ILE A 79 -0.15 27.89 -4.87
N CYS A 80 0.70 27.73 -5.88
CA CYS A 80 2.16 27.84 -5.73
C CYS A 80 2.71 29.00 -6.56
N ALA A 81 1.82 29.75 -7.18
CA ALA A 81 2.21 30.89 -7.98
C ALA A 81 2.61 32.09 -7.13
N GLY A 82 3.49 32.92 -7.66
CA GLY A 82 3.79 34.16 -6.98
C GLY A 82 5.19 34.63 -7.32
N ALA A 83 5.44 35.91 -7.13
CA ALA A 83 6.78 36.46 -7.26
C ALA A 83 7.70 35.86 -6.20
N ASN A 84 9.00 35.95 -6.40
CA ASN A 84 9.90 35.46 -5.35
C ASN A 84 10.72 36.55 -4.65
N GLN A 85 10.94 36.34 -3.35
CA GLN A 85 11.56 37.34 -2.48
C GLN A 85 12.98 37.71 -2.94
N LYS A 86 13.13 38.91 -3.51
CA LYS A 86 14.44 39.38 -3.98
C LYS A 86 15.31 39.83 -2.83
N PRO A 87 16.64 39.70 -2.98
CA PRO A 87 17.53 40.23 -1.93
C PRO A 87 17.43 41.76 -1.84
N GLY A 88 17.37 42.29 -0.62
CA GLY A 88 17.19 43.71 -0.41
C GLY A 88 15.73 44.16 -0.48
N GLU A 89 14.85 43.24 -0.83
CA GLU A 89 13.41 43.50 -0.80
C GLU A 89 12.89 43.06 0.57
N THR A 90 12.01 43.87 1.17
CA THR A 90 11.42 43.51 2.45
C THR A 90 10.21 42.61 2.23
N ARG A 91 9.73 41.97 3.29
CA ARG A 91 8.58 41.11 3.11
C ARG A 91 7.30 41.87 2.78
N LEU A 92 7.16 43.09 3.28
CA LEU A 92 6.02 43.92 2.92
C LEU A 92 6.05 44.29 1.44
N GLU A 93 7.24 44.55 0.92
CA GLU A 93 7.37 44.80 -0.51
C GLU A 93 7.00 43.56 -1.32
N LEU A 94 7.42 42.38 -0.85
CA LEU A 94 7.05 41.15 -1.53
C LEU A 94 5.56 40.89 -1.45
N VAL A 95 4.96 41.16 -0.29
CA VAL A 95 3.55 40.90 -0.08
C VAL A 95 2.67 41.77 -0.98
N GLU A 96 3.07 43.02 -1.16
CA GLU A 96 2.37 43.91 -2.08
C GLU A 96 2.28 43.29 -3.49
N LYS A 97 3.38 42.71 -3.97
CA LYS A 97 3.35 42.05 -5.28
C LYS A 97 2.48 40.79 -5.28
N ASN A 98 2.69 39.91 -4.31
CA ASN A 98 1.89 38.70 -4.24
C ASN A 98 0.40 38.93 -3.95
N LEU A 99 0.04 39.98 -3.22
CA LEU A 99 -1.40 40.25 -3.03
C LEU A 99 -2.07 40.60 -4.34
N LYS A 100 -1.38 41.33 -5.19
CA LYS A 100 -1.93 41.69 -6.49
C LYS A 100 -2.16 40.44 -7.34
N ILE A 101 -1.16 39.57 -7.39
CA ILE A 101 -1.25 38.31 -8.09
C ILE A 101 -2.38 37.42 -7.56
N PHE A 102 -2.47 37.30 -6.24
CA PHE A 102 -3.48 36.44 -5.63
C PHE A 102 -4.91 36.95 -5.81
N LYS A 103 -5.06 38.27 -5.77
CA LYS A 103 -6.35 38.90 -6.04
C LYS A 103 -6.89 38.40 -7.38
N GLY A 104 -6.08 38.47 -8.44
CA GLY A 104 -6.50 37.93 -9.73
C GLY A 104 -6.78 36.43 -9.71
N ILE A 105 -5.90 35.65 -9.10
CA ILE A 105 -6.08 34.19 -9.08
C ILE A 105 -7.35 33.76 -8.34
N VAL A 106 -7.53 34.24 -7.12
CA VAL A 106 -8.64 33.82 -6.28
C VAL A 106 -9.96 34.24 -6.88
N SER A 107 -9.98 35.46 -7.39
CA SER A 107 -11.13 36.00 -8.09
C SER A 107 -11.58 35.10 -9.24
N GLU A 108 -10.65 34.74 -10.11
CA GLU A 108 -10.95 33.91 -11.28
C GLU A 108 -11.37 32.50 -10.89
N VAL A 109 -10.78 31.97 -9.83
CA VAL A 109 -11.10 30.62 -9.42
C VAL A 109 -12.51 30.62 -8.86
N MET A 110 -12.86 31.63 -8.08
CA MET A 110 -14.19 31.68 -7.50
C MET A 110 -15.26 31.79 -8.59
N ALA A 111 -14.95 32.51 -9.66
CA ALA A 111 -15.91 32.75 -10.73
C ALA A 111 -16.10 31.54 -11.63
N SER A 112 -15.21 30.56 -11.52
CA SER A 112 -15.32 29.34 -12.32
C SER A 112 -16.39 28.42 -11.77
N GLY A 113 -16.88 28.70 -10.56
CA GLY A 113 -17.78 27.77 -9.90
C GLY A 113 -17.12 26.91 -8.82
N PHE A 114 -15.82 27.10 -8.58
CA PHE A 114 -15.09 26.32 -7.59
C PHE A 114 -15.74 26.37 -6.21
N ASP A 115 -15.80 25.23 -5.54
CA ASP A 115 -16.46 25.16 -4.23
C ASP A 115 -15.74 24.14 -3.35
N GLY A 116 -14.41 24.16 -3.41
CA GLY A 116 -13.60 23.21 -2.68
C GLY A 116 -12.79 23.84 -1.57
N ILE A 117 -11.61 23.26 -1.31
CA ILE A 117 -10.67 23.78 -0.34
C ILE A 117 -9.53 24.50 -1.08
N PHE A 118 -9.06 25.62 -0.53
CA PHE A 118 -7.79 26.21 -0.99
C PHE A 118 -6.63 25.74 -0.14
N LEU A 119 -5.51 25.48 -0.79
CA LEU A 119 -4.26 25.10 -0.11
C LEU A 119 -3.19 26.04 -0.65
N VAL A 120 -2.62 26.85 0.25
CA VAL A 120 -1.70 27.91 -0.17
C VAL A 120 -0.25 27.55 0.14
N ALA A 121 0.63 27.63 -0.85
CA ALA A 121 2.06 27.34 -0.63
C ALA A 121 3.01 28.54 -0.76
N THR A 122 2.61 29.55 -1.51
CA THR A 122 3.44 30.72 -1.77
C THR A 122 3.80 31.53 -0.53
N ASN A 123 5.03 32.01 -0.48
CA ASN A 123 5.51 32.87 0.62
C ASN A 123 5.13 34.37 0.56
N PRO A 124 4.92 35.01 1.75
CA PRO A 124 4.78 34.45 3.12
C PRO A 124 3.43 33.75 3.30
N VAL A 125 3.47 32.49 3.66
CA VAL A 125 2.30 31.64 3.49
C VAL A 125 1.12 32.02 4.40
N ASP A 126 1.41 32.41 5.64
CA ASP A 126 0.34 32.77 6.58
C ASP A 126 -0.37 34.04 6.12
N ILE A 127 0.40 34.96 5.54
CA ILE A 127 -0.14 36.19 5.01
C ILE A 127 -1.02 35.92 3.79
N LEU A 128 -0.53 35.12 2.86
CA LEU A 128 -1.30 34.83 1.66
C LEU A 128 -2.47 33.88 1.92
N THR A 129 -2.40 33.10 2.98
CA THR A 129 -3.53 32.26 3.35
C THR A 129 -4.67 33.13 3.86
N TYR A 130 -4.33 34.10 4.71
CA TYR A 130 -5.30 35.08 5.19
C TYR A 130 -5.95 35.86 4.03
N ALA A 131 -5.14 36.27 3.06
CA ALA A 131 -5.63 37.01 1.89
C ALA A 131 -6.55 36.19 1.02
N THR A 132 -6.23 34.91 0.86
CA THR A 132 -7.05 34.02 0.06
C THR A 132 -8.42 33.83 0.72
N TRP A 133 -8.45 33.88 2.03
CA TRP A 133 -9.68 33.84 2.77
C TRP A 133 -10.51 35.11 2.52
N LYS A 134 -9.89 36.27 2.67
CA LYS A 134 -10.55 37.53 2.39
C LYS A 134 -11.07 37.61 0.96
N PHE A 135 -10.22 37.26 0.00
CA PHE A 135 -10.56 37.36 -1.42
C PHE A 135 -11.63 36.37 -1.85
N SER A 136 -11.63 35.19 -1.23
CA SER A 136 -12.52 34.14 -1.67
C SER A 136 -13.94 34.24 -1.08
N GLY A 137 -14.09 34.79 0.12
CA GLY A 137 -15.36 34.69 0.82
C GLY A 137 -15.74 33.30 1.37
N LEU A 138 -14.85 32.33 1.27
CA LEU A 138 -15.12 31.00 1.80
C LEU A 138 -15.07 31.00 3.34
N PRO A 139 -15.67 29.97 3.99
CA PRO A 139 -15.44 29.78 5.44
C PRO A 139 -13.95 29.59 5.72
N LYS A 140 -13.50 30.07 6.87
CA LYS A 140 -12.11 30.02 7.21
C LYS A 140 -11.56 28.58 7.32
N GLU A 141 -12.44 27.61 7.49
CA GLU A 141 -12.06 26.21 7.61
C GLU A 141 -11.64 25.66 6.27
N ARG A 142 -12.03 26.33 5.21
CA ARG A 142 -11.77 25.84 3.85
C ARG A 142 -10.61 26.54 3.13
N VAL A 143 -9.91 27.41 3.86
CA VAL A 143 -8.68 27.99 3.35
C VAL A 143 -7.56 27.55 4.27
N ILE A 144 -6.55 26.87 3.71
CA ILE A 144 -5.51 26.23 4.50
C ILE A 144 -4.15 26.55 3.90
N GLY A 145 -3.19 26.91 4.74
CA GLY A 145 -1.82 27.09 4.30
C GLY A 145 -0.88 26.01 4.82
N SER A 146 0.28 25.89 4.19
CA SER A 146 1.20 24.83 4.52
C SER A 146 1.77 25.04 5.92
N GLY A 147 1.69 26.26 6.44
CA GLY A 147 2.07 26.57 7.81
C GLY A 147 3.46 26.11 8.19
N THR A 148 3.62 25.57 9.39
CA THR A 148 4.92 25.06 9.84
C THR A 148 5.03 23.54 9.68
N THR A 149 4.13 22.97 8.89
CA THR A 149 4.06 21.53 8.69
C THR A 149 5.39 20.85 8.39
N LEU A 150 6.16 21.39 7.47
CA LEU A 150 7.44 20.82 7.12
C LEU A 150 8.42 20.85 8.31
N ASP A 151 8.57 22.01 8.92
CA ASP A 151 9.48 22.13 10.05
C ASP A 151 9.05 21.25 11.24
N SER A 152 7.75 21.24 11.52
CA SER A 152 7.25 20.37 12.56
C SER A 152 7.66 18.94 12.26
N ALA A 153 7.30 18.42 11.09
CA ALA A 153 7.55 17.03 10.80
C ALA A 153 9.03 16.70 10.86
N ARG A 154 9.88 17.62 10.42
CA ARG A 154 11.30 17.39 10.52
C ARG A 154 11.72 17.36 11.99
N PHE A 155 11.31 18.35 12.77
CA PHE A 155 11.50 18.38 14.22
C PHE A 155 11.13 17.02 14.86
N ARG A 156 9.95 16.51 14.50
CA ARG A 156 9.38 15.27 15.07
C ARG A 156 10.12 14.00 14.64
N PHE A 157 10.66 14.00 13.43
CA PHE A 157 11.48 12.89 12.95
C PHE A 157 12.86 12.90 13.59
N MET A 158 13.46 14.09 13.66
CA MET A 158 14.81 14.24 14.22
C MET A 158 14.79 13.63 15.60
N LEU A 159 13.84 14.08 16.41
CA LEU A 159 13.69 13.56 17.76
C LEU A 159 13.47 12.04 17.74
N SER A 160 12.57 11.55 16.89
CA SER A 160 12.27 10.12 16.78
C SER A 160 13.52 9.25 16.59
N GLU A 161 14.45 9.78 15.79
CA GLU A 161 15.74 9.13 15.60
C GLU A 161 16.53 9.18 16.91
N TYR A 162 16.36 10.29 17.62
CA TYR A 162 17.13 10.62 18.82
C TYR A 162 16.81 9.82 20.11
N PHE A 163 15.52 9.57 20.34
CA PHE A 163 15.07 8.85 21.52
C PHE A 163 14.71 7.40 21.18
N GLY A 164 14.71 7.09 19.88
CA GLY A 164 14.59 5.72 19.40
C GLY A 164 13.20 5.08 19.30
N ALA A 165 12.15 5.88 19.12
CA ALA A 165 10.80 5.36 18.90
C ALA A 165 10.38 5.62 17.46
N ALA A 166 9.19 5.14 17.09
CA ALA A 166 8.64 5.52 15.78
C ALA A 166 8.07 6.94 15.82
N PRO A 167 8.01 7.57 14.69
CA PRO A 167 7.44 8.90 14.67
C PRO A 167 6.04 8.83 15.20
N GLN A 168 5.26 7.81 14.86
CA GLN A 168 3.87 7.80 15.30
C GLN A 168 3.73 7.94 16.80
N ASN A 169 4.84 7.81 17.50
CA ASN A 169 4.85 7.70 18.96
C ASN A 169 5.41 8.94 19.61
N VAL A 170 6.02 9.77 18.79
CA VAL A 170 6.64 11.01 19.24
C VAL A 170 5.75 12.23 19.05
N CYS A 171 5.65 13.04 20.09
CA CYS A 171 4.89 14.28 20.02
C CYS A 171 5.83 15.48 20.05
N ALA A 172 5.87 16.24 18.96
CA ALA A 172 6.65 17.46 18.92
C ALA A 172 6.09 18.41 17.85
N HIS A 173 5.65 19.58 18.30
CA HIS A 173 5.12 20.58 17.40
C HIS A 173 6.02 21.79 17.33
N ILE A 174 6.19 22.32 16.12
CA ILE A 174 6.68 23.67 15.90
C ILE A 174 5.48 24.52 15.54
N ILE A 175 5.27 25.63 16.23
CA ILE A 175 4.14 26.49 15.90
C ILE A 175 4.51 27.95 15.65
N GLY A 176 3.54 28.70 15.16
CA GLY A 176 3.73 30.12 14.92
C GLY A 176 3.88 30.43 13.44
N GLU A 177 4.46 31.59 13.14
CA GLU A 177 4.70 32.00 11.77
C GLU A 177 5.71 31.09 11.09
N HIS A 178 5.40 30.68 9.87
CA HIS A 178 6.38 29.96 9.06
C HIS A 178 7.56 30.88 8.74
N GLY A 179 8.60 30.79 9.56
CA GLY A 179 9.73 31.68 9.46
C GLY A 179 10.51 31.70 10.76
N ASP A 180 11.28 32.75 10.98
CA ASP A 180 12.22 32.82 12.11
C ASP A 180 11.61 32.91 13.51
N THR A 181 10.37 33.35 13.63
CA THR A 181 9.80 33.44 14.97
C THR A 181 9.02 32.16 15.37
N GLU A 182 9.05 31.13 14.53
CA GLU A 182 8.38 29.89 14.90
C GLU A 182 9.06 29.31 16.14
N LEU A 183 8.28 28.68 17.02
CA LEU A 183 8.83 28.12 18.25
C LEU A 183 8.50 26.66 18.45
N PRO A 184 9.39 25.92 19.13
CA PRO A 184 9.11 24.56 19.60
C PRO A 184 8.18 24.59 20.81
N VAL A 185 7.24 23.66 20.91
CA VAL A 185 6.42 23.55 22.11
C VAL A 185 6.99 22.45 23.03
N TRP A 186 8.15 22.71 23.62
CA TRP A 186 8.84 21.76 24.50
C TRP A 186 7.95 21.26 25.62
N SER A 187 7.11 22.15 26.14
CA SER A 187 6.30 21.84 27.30
C SER A 187 5.36 20.65 27.03
N HIS A 188 5.17 20.30 25.76
CA HIS A 188 4.24 19.26 25.37
C HIS A 188 4.90 18.19 24.53
N ALA A 189 6.20 18.29 24.35
CA ALA A 189 6.94 17.28 23.61
C ALA A 189 7.08 16.00 24.46
N ASN A 190 6.59 14.87 23.96
CA ASN A 190 6.65 13.63 24.72
C ASN A 190 6.92 12.36 23.90
N VAL A 191 7.96 11.62 24.25
CA VAL A 191 8.22 10.33 23.61
C VAL A 191 7.37 9.21 24.19
N GLY A 192 6.64 8.51 23.35
CA GLY A 192 5.77 7.46 23.83
C GLY A 192 4.96 7.86 25.05
N GLY A 193 4.75 9.15 25.24
CA GLY A 193 3.95 9.65 26.35
C GLY A 193 4.78 10.25 27.49
N VAL A 194 6.09 10.07 27.42
CA VAL A 194 7.00 10.57 28.44
C VAL A 194 7.53 11.93 28.04
N PRO A 195 7.21 12.98 28.83
CA PRO A 195 7.65 14.34 28.53
C PRO A 195 9.14 14.37 28.29
N VAL A 196 9.57 15.22 27.37
CA VAL A 196 10.98 15.37 27.03
C VAL A 196 11.80 15.80 28.22
N SER A 197 11.25 16.67 29.05
CA SER A 197 11.96 17.19 30.21
C SER A 197 12.33 16.08 31.20
N GLU A 198 11.41 15.14 31.42
CA GLU A 198 11.72 13.95 32.21
C GLU A 198 12.81 13.10 31.56
N LEU A 199 12.71 12.86 30.26
CA LEU A 199 13.70 12.04 29.54
C LEU A 199 15.10 12.64 29.65
N VAL A 200 15.17 13.95 29.78
CA VAL A 200 16.45 14.63 29.84
C VAL A 200 17.05 14.51 31.23
N GLU A 201 16.26 14.90 32.23
CA GLU A 201 16.78 14.92 33.60
C GLU A 201 17.16 13.52 34.09
N LYS A 202 16.37 12.52 33.74
CA LYS A 202 16.69 11.14 34.12
C LYS A 202 17.72 10.50 33.18
N ASN A 203 18.65 11.30 32.66
CA ASN A 203 19.58 10.84 31.62
C ASN A 203 20.62 11.90 31.22
N ASP A 204 21.85 11.46 30.98
CA ASP A 204 22.82 12.36 30.39
C ASP A 204 23.25 11.91 29.00
N ALA A 205 22.64 10.82 28.54
CA ALA A 205 22.65 10.49 27.12
C ALA A 205 21.66 11.41 26.38
N TYR A 206 20.79 12.07 27.16
CA TYR A 206 19.83 13.04 26.63
C TYR A 206 20.06 14.39 27.29
N LYS A 207 20.48 15.38 26.50
CA LYS A 207 20.88 16.66 27.06
C LYS A 207 20.23 17.79 26.26
N GLN A 208 19.91 18.90 26.92
CA GLN A 208 19.11 19.96 26.29
C GLN A 208 19.76 20.55 25.04
N GLU A 209 21.07 20.67 25.04
CA GLU A 209 21.75 21.31 23.91
C GLU A 209 21.71 20.50 22.64
N GLU A 210 21.81 19.18 22.78
CA GLU A 210 21.52 18.27 21.67
C GLU A 210 20.12 18.57 21.13
N LEU A 211 19.29 19.18 21.98
CA LEU A 211 17.93 19.55 21.62
C LEU A 211 17.79 21.00 21.14
N ASP A 212 18.41 21.95 21.83
CA ASP A 212 18.30 23.37 21.46
C ASP A 212 18.99 23.69 20.12
N GLN A 213 19.81 22.76 19.65
CA GLN A 213 20.52 22.95 18.40
C GLN A 213 19.74 22.23 17.30
N ILE A 214 19.14 21.09 17.66
CA ILE A 214 18.21 20.42 16.77
C ILE A 214 17.14 21.42 16.30
N VAL A 215 16.76 22.34 17.16
CA VAL A 215 15.78 23.36 16.81
C VAL A 215 16.41 24.39 15.88
N ASP A 216 17.65 24.76 16.16
CA ASP A 216 18.30 25.78 15.34
C ASP A 216 18.59 25.24 13.94
N ASP A 217 18.78 23.93 13.84
CA ASP A 217 19.02 23.28 12.56
C ASP A 217 17.74 23.06 11.76
N VAL A 218 16.63 22.90 12.46
CA VAL A 218 15.36 22.80 11.81
C VAL A 218 15.05 24.14 11.14
N LYS A 219 15.35 25.23 11.83
CA LYS A 219 15.02 26.59 11.35
C LYS A 219 15.92 27.12 10.24
N ASN A 220 17.08 26.52 10.07
CA ASN A 220 18.04 26.96 9.06
C ASN A 220 18.11 26.01 7.88
N ALA A 221 17.33 24.93 7.94
CA ALA A 221 17.43 23.87 6.94
C ALA A 221 17.30 24.43 5.53
N ALA A 222 16.24 25.20 5.30
CA ALA A 222 16.01 25.80 3.99
C ALA A 222 17.20 26.65 3.54
N TYR A 223 17.66 27.54 4.40
CA TYR A 223 18.79 28.42 4.05
C TYR A 223 20.04 27.65 3.59
N HIS A 224 20.30 26.50 4.21
CA HIS A 224 21.47 25.71 3.84
C HIS A 224 21.27 24.96 2.53
N ILE A 225 20.03 24.57 2.27
CA ILE A 225 19.71 23.91 1.01
C ILE A 225 19.91 24.94 -0.09
N ILE A 226 19.32 26.11 0.11
CA ILE A 226 19.40 27.19 -0.85
C ILE A 226 20.83 27.61 -1.13
N GLU A 227 21.65 27.65 -0.09
CA GLU A 227 23.05 28.02 -0.25
C GLU A 227 23.84 27.04 -1.14
N LYS A 228 23.52 25.74 -1.07
CA LYS A 228 24.25 24.74 -1.83
C LYS A 228 23.67 24.38 -3.20
N LYS A 229 22.38 24.64 -3.40
CA LYS A 229 21.75 24.19 -4.64
C LYS A 229 20.95 25.26 -5.36
N GLY A 230 20.77 26.43 -4.74
CA GLY A 230 20.08 27.52 -5.39
C GLY A 230 18.64 27.70 -5.01
N ALA A 231 17.96 26.60 -4.67
CA ALA A 231 16.54 26.66 -4.28
C ALA A 231 16.12 25.41 -3.53
N THR A 232 15.01 25.49 -2.79
CA THR A 232 14.48 24.35 -2.06
C THR A 232 13.04 24.04 -2.49
N TYR A 233 12.73 22.77 -2.77
CA TYR A 233 11.41 22.46 -3.28
C TYR A 233 10.93 21.04 -3.11
N TYR A 234 11.84 20.11 -2.87
CA TYR A 234 11.42 18.74 -2.61
C TYR A 234 10.68 18.63 -1.28
N GLY A 235 11.16 19.32 -0.26
CA GLY A 235 10.55 19.24 1.04
C GLY A 235 9.16 19.83 1.03
N VAL A 236 9.05 21.05 0.50
CA VAL A 236 7.78 21.75 0.35
C VAL A 236 6.75 20.92 -0.43
N ALA A 237 7.17 20.35 -1.56
CA ALA A 237 6.31 19.43 -2.31
C ALA A 237 5.75 18.28 -1.47
N MET A 238 6.60 17.66 -0.65
CA MET A 238 6.17 16.53 0.19
C MET A 238 5.19 16.98 1.26
N SER A 239 5.45 18.14 1.84
CA SER A 239 4.56 18.61 2.87
C SER A 239 3.17 18.91 2.26
N LEU A 240 3.16 19.45 1.05
CA LEU A 240 1.89 19.72 0.37
C LEU A 240 1.17 18.43 0.00
N ALA A 241 1.91 17.43 -0.46
CA ALA A 241 1.28 16.16 -0.79
C ALA A 241 0.66 15.58 0.47
N ARG A 242 1.34 15.74 1.58
CA ARG A 242 0.89 15.20 2.85
C ARG A 242 -0.43 15.85 3.27
N ILE A 243 -0.48 17.18 3.20
CA ILE A 243 -1.70 17.90 3.50
C ILE A 243 -2.84 17.53 2.55
N THR A 244 -2.55 17.46 1.26
CA THR A 244 -3.54 17.06 0.25
C THR A 244 -4.14 15.66 0.59
N LYS A 245 -3.27 14.73 0.99
CA LYS A 245 -3.71 13.39 1.36
C LYS A 245 -4.67 13.39 2.55
N ALA A 246 -4.34 14.16 3.59
CA ALA A 246 -5.21 14.24 4.76
C ALA A 246 -6.58 14.77 4.38
N ILE A 247 -6.63 15.65 3.37
CA ILE A 247 -7.89 16.19 2.93
C ILE A 247 -8.65 15.21 2.03
N LEU A 248 -8.03 14.79 0.94
CA LEU A 248 -8.73 13.93 -0.01
C LEU A 248 -9.18 12.60 0.60
N HIS A 249 -8.50 12.17 1.65
CA HIS A 249 -8.81 10.87 2.26
C HIS A 249 -9.41 10.97 3.65
N ASN A 250 -9.81 12.18 4.00
CA ASN A 250 -10.58 12.39 5.22
C ASN A 250 -9.95 11.71 6.44
N GLU A 251 -8.67 11.99 6.70
CA GLU A 251 -7.90 11.30 7.74
C GLU A 251 -8.02 11.82 9.17
N ASN A 252 -8.52 13.05 9.34
CA ASN A 252 -8.43 13.74 10.62
C ASN A 252 -7.00 13.75 11.21
N SER A 253 -5.99 13.90 10.36
CA SER A 253 -4.64 14.07 10.83
C SER A 253 -4.44 15.43 11.46
N ILE A 254 -3.71 15.46 12.57
CA ILE A 254 -3.30 16.70 13.18
C ILE A 254 -1.99 17.20 12.54
N LEU A 255 -2.07 18.39 11.92
CA LEU A 255 -0.93 18.98 11.21
C LEU A 255 -0.86 20.45 11.57
N THR A 256 0.34 21.02 11.66
CA THR A 256 0.47 22.44 11.98
C THR A 256 0.32 23.32 10.75
N VAL A 257 -0.82 23.23 10.10
CA VAL A 257 -1.14 24.09 8.96
C VAL A 257 -1.47 25.52 9.42
N SER A 258 -1.47 26.46 8.48
CA SER A 258 -1.89 27.83 8.76
C SER A 258 -3.39 27.81 8.96
N THR A 259 -3.84 28.30 10.11
CA THR A 259 -5.20 28.14 10.55
C THR A 259 -5.69 29.47 11.09
N TYR A 260 -6.96 29.78 10.87
CA TYR A 260 -7.46 31.05 11.39
C TYR A 260 -7.71 30.99 12.88
N LEU A 261 -7.05 31.88 13.63
CA LEU A 261 -7.28 32.00 15.06
C LEU A 261 -8.18 33.19 15.40
N ASP A 262 -8.94 33.03 16.47
CA ASP A 262 -10.17 33.73 16.72
C ASP A 262 -10.25 33.90 18.23
N GLY A 263 -9.13 34.25 18.85
CA GLY A 263 -9.05 34.24 20.30
C GLY A 263 -8.20 33.13 20.93
N GLN A 264 -8.13 31.95 20.31
CA GLN A 264 -7.33 30.90 20.91
C GLN A 264 -5.83 31.22 20.95
N TYR A 265 -5.14 30.70 21.97
CA TYR A 265 -3.75 31.10 22.26
C TYR A 265 -3.59 32.60 22.49
N GLY A 266 -4.69 33.33 22.72
CA GLY A 266 -4.62 34.78 22.90
C GLY A 266 -4.34 35.55 21.60
N ALA A 267 -4.60 34.93 20.46
CA ALA A 267 -4.34 35.59 19.19
C ALA A 267 -5.65 35.86 18.48
N ASP A 268 -5.74 37.00 17.83
CA ASP A 268 -6.97 37.27 17.11
C ASP A 268 -6.75 37.70 15.67
N ASP A 269 -7.64 37.22 14.80
CA ASP A 269 -7.73 37.69 13.43
C ASP A 269 -6.40 37.57 12.71
N VAL A 270 -5.92 36.35 12.60
CA VAL A 270 -4.63 36.04 11.98
C VAL A 270 -4.61 34.55 11.64
N TYR A 271 -4.04 34.21 10.49
CA TYR A 271 -3.76 32.82 10.13
C TYR A 271 -2.34 32.52 10.62
N ILE A 272 -2.13 31.36 11.23
CA ILE A 272 -0.84 31.06 11.80
C ILE A 272 -0.74 29.55 12.03
N GLY A 273 0.48 29.03 12.10
CA GLY A 273 0.68 27.59 12.29
C GLY A 273 0.40 27.09 13.69
N VAL A 274 -0.70 26.34 13.84
CA VAL A 274 -1.02 25.61 15.06
C VAL A 274 -1.53 24.23 14.67
N PRO A 275 -1.47 23.27 15.62
CA PRO A 275 -1.94 21.93 15.29
C PRO A 275 -3.45 21.88 15.12
N ALA A 276 -3.89 21.35 13.99
CA ALA A 276 -5.29 21.40 13.64
C ALA A 276 -5.63 20.07 12.99
N VAL A 277 -6.86 19.61 13.21
CA VAL A 277 -7.32 18.36 12.61
C VAL A 277 -7.72 18.65 11.18
N VAL A 278 -7.16 17.91 10.24
CA VAL A 278 -7.44 18.12 8.83
C VAL A 278 -8.25 16.96 8.23
N ASN A 279 -9.40 17.26 7.65
CA ASN A 279 -10.14 16.23 6.93
C ASN A 279 -10.76 16.70 5.60
N ARG A 280 -11.72 15.93 5.10
CA ARG A 280 -12.30 16.21 3.80
C ARG A 280 -13.04 17.56 3.77
N GLY A 281 -13.46 18.06 4.93
CA GLY A 281 -14.09 19.36 5.03
C GLY A 281 -13.11 20.51 5.27
N GLY A 282 -11.83 20.19 5.34
CA GLY A 282 -10.82 21.16 5.66
C GLY A 282 -10.45 21.08 7.12
N ILE A 283 -10.44 22.22 7.80
CA ILE A 283 -10.14 22.24 9.23
C ILE A 283 -11.35 21.74 10.00
N ALA A 284 -11.17 20.67 10.77
CA ALA A 284 -12.25 20.13 11.60
C ALA A 284 -12.18 20.64 13.02
N GLY A 285 -10.99 20.98 13.50
CA GLY A 285 -10.82 21.37 14.89
C GLY A 285 -9.42 21.89 15.17
N ILE A 286 -9.30 22.71 16.20
CA ILE A 286 -8.02 23.27 16.57
C ILE A 286 -7.58 22.79 17.94
N THR A 287 -6.45 22.09 17.97
CA THR A 287 -5.82 21.66 19.21
C THR A 287 -5.30 22.86 19.98
N GLU A 288 -5.81 23.02 21.20
CA GLU A 288 -5.37 24.10 22.08
C GLU A 288 -4.38 23.64 23.15
N LEU A 289 -3.10 23.69 22.81
CA LEU A 289 -2.07 23.36 23.76
C LEU A 289 -1.99 24.44 24.82
N ASN A 290 -1.83 24.03 26.06
CA ASN A 290 -1.68 24.96 27.17
C ASN A 290 -0.22 25.37 27.31
N LEU A 291 0.17 26.44 26.61
CA LEU A 291 1.57 26.84 26.53
C LEU A 291 2.07 27.34 27.87
N ASN A 292 3.34 27.11 28.16
CA ASN A 292 3.92 27.67 29.37
C ASN A 292 4.23 29.14 29.12
N GLU A 293 4.73 29.86 30.12
CA GLU A 293 4.81 31.32 30.03
C GLU A 293 5.75 31.78 28.91
N LYS A 294 6.86 31.09 28.77
CA LYS A 294 7.84 31.40 27.74
C LYS A 294 7.25 31.26 26.34
N GLU A 295 6.62 30.11 26.09
CA GLU A 295 6.04 29.81 24.79
C GLU A 295 4.91 30.76 24.42
N LYS A 296 4.14 31.17 25.41
CA LYS A 296 2.99 32.02 25.22
C LYS A 296 3.44 33.42 24.75
N GLU A 297 4.61 33.84 25.21
CA GLU A 297 5.14 35.11 24.81
C GLU A 297 5.77 35.01 23.41
N GLN A 298 6.41 33.89 23.14
CA GLN A 298 7.02 33.65 21.85
C GLN A 298 5.96 33.62 20.77
N PHE A 299 4.83 32.98 21.09
CA PHE A 299 3.72 32.83 20.17
C PHE A 299 3.02 34.15 19.86
N LEU A 300 2.72 34.93 20.88
CA LEU A 300 2.07 36.23 20.68
C LEU A 300 2.98 37.15 19.89
N HIS A 301 4.28 37.05 20.11
CA HIS A 301 5.23 37.76 19.28
C HIS A 301 5.11 37.29 17.83
N SER A 302 5.07 35.98 17.61
CA SER A 302 4.97 35.43 16.27
C SER A 302 3.68 35.87 15.56
N ALA A 303 2.59 35.94 16.31
CA ALA A 303 1.32 36.36 15.76
C ALA A 303 1.41 37.85 15.47
N GLY A 304 2.20 38.54 16.28
CA GLY A 304 2.42 39.96 16.12
C GLY A 304 3.15 40.34 14.84
N VAL A 305 4.22 39.61 14.51
CA VAL A 305 4.93 39.96 13.30
C VAL A 305 4.04 39.77 12.07
N LEU A 306 3.09 38.84 12.15
CA LEU A 306 2.13 38.63 11.05
C LEU A 306 1.11 39.77 10.96
N LYS A 307 0.56 40.17 12.10
CA LYS A 307 -0.38 41.28 12.11
C LYS A 307 0.28 42.60 11.63
N ASN A 308 1.56 42.79 11.93
CA ASN A 308 2.29 43.95 11.44
C ASN A 308 2.32 44.00 9.91
N ILE A 309 2.44 42.83 9.29
CA ILE A 309 2.36 42.73 7.86
C ILE A 309 0.94 42.84 7.29
N LEU A 310 -0.07 42.32 7.99
CA LEU A 310 -1.45 42.39 7.49
C LEU A 310 -2.05 43.79 7.59
N LYS A 311 -1.70 44.48 8.67
CA LYS A 311 -2.33 45.75 8.99
C LYS A 311 -2.30 46.81 7.86
N PRO A 312 -1.14 47.01 7.20
CA PRO A 312 -1.14 47.98 6.10
C PRO A 312 -2.03 47.55 4.92
N HIS A 313 -2.33 46.26 4.82
CA HIS A 313 -3.06 45.74 3.67
C HIS A 313 -4.53 45.41 3.94
N PHE A 314 -4.90 45.17 5.19
CA PHE A 314 -6.28 44.84 5.52
C PHE A 314 -6.74 45.66 6.73
N ALA A 315 -7.99 46.09 6.71
CA ALA A 315 -8.58 46.73 7.91
C ALA A 315 -8.95 45.68 8.96
N ASN B 2 16.14 -16.75 4.64
CA ASN B 2 16.60 -16.07 5.86
C ASN B 2 17.09 -14.62 5.65
N LYS B 3 17.83 -14.36 4.57
CA LYS B 3 18.40 -13.02 4.33
C LYS B 3 17.53 -12.05 3.51
N HIS B 4 16.82 -12.58 2.52
CA HIS B 4 15.92 -11.73 1.74
C HIS B 4 14.44 -12.03 2.03
N VAL B 5 14.16 -12.94 2.96
CA VAL B 5 12.77 -13.32 3.22
C VAL B 5 12.44 -13.62 4.69
N ASN B 6 11.27 -13.16 5.12
CA ASN B 6 10.78 -13.38 6.47
C ASN B 6 9.97 -14.67 6.53
N LYS B 7 10.18 -15.42 7.60
CA LYS B 7 9.41 -16.63 7.81
C LYS B 7 8.78 -16.60 9.20
N VAL B 8 7.55 -17.06 9.27
CA VAL B 8 6.84 -17.18 10.53
C VAL B 8 6.44 -18.64 10.73
N ALA B 9 6.76 -19.21 11.89
CA ALA B 9 6.27 -20.53 12.25
C ALA B 9 5.12 -20.35 13.23
N LEU B 10 4.00 -20.97 12.94
CA LEU B 10 2.83 -20.84 13.80
C LEU B 10 2.58 -22.20 14.43
N ILE B 11 2.53 -22.23 15.75
CA ILE B 11 2.28 -23.46 16.45
C ILE B 11 0.90 -23.44 17.10
N GLY B 12 -0.02 -24.23 16.54
CA GLY B 12 -1.40 -24.28 16.98
C GLY B 12 -2.34 -23.69 15.94
N ALA B 13 -3.09 -24.55 15.27
CA ALA B 13 -3.98 -24.10 14.18
C ALA B 13 -5.48 -24.15 14.53
N GLY B 14 -5.86 -23.60 15.68
CA GLY B 14 -7.26 -23.41 15.98
C GLY B 14 -7.75 -22.05 15.49
N PHE B 15 -8.86 -21.58 16.03
CA PHE B 15 -9.47 -20.33 15.62
C PHE B 15 -8.47 -19.17 15.60
N VAL B 16 -7.76 -18.97 16.70
CA VAL B 16 -6.81 -17.89 16.75
C VAL B 16 -5.75 -18.06 15.68
N GLY B 17 -5.07 -19.20 15.70
CA GLY B 17 -3.93 -19.45 14.83
C GLY B 17 -4.24 -19.30 13.35
N SER B 18 -5.32 -19.94 12.92
CA SER B 18 -5.80 -19.81 11.54
C SER B 18 -6.18 -18.40 11.11
N SER B 19 -6.90 -17.67 11.96
CA SER B 19 -7.27 -16.29 11.68
C SER B 19 -6.04 -15.42 11.57
N TYR B 20 -5.08 -15.68 12.45
CA TYR B 20 -3.81 -14.99 12.41
C TYR B 20 -3.12 -15.24 11.08
N ALA B 21 -3.06 -16.50 10.66
CA ALA B 21 -2.46 -16.83 9.38
C ALA B 21 -3.17 -16.08 8.24
N PHE B 22 -4.50 -16.15 8.23
CA PHE B 22 -5.29 -15.46 7.23
C PHE B 22 -4.96 -13.97 7.26
N ALA B 23 -4.84 -13.42 8.45
CA ALA B 23 -4.46 -12.01 8.58
C ALA B 23 -3.09 -11.69 7.99
N LEU B 24 -2.09 -12.54 8.24
CA LEU B 24 -0.74 -12.28 7.72
C LEU B 24 -0.78 -12.28 6.19
N ILE B 25 -1.52 -13.23 5.64
CA ILE B 25 -1.69 -13.35 4.20
C ILE B 25 -2.44 -12.17 3.56
N ASN B 26 -3.56 -11.78 4.15
CA ASN B 26 -4.31 -10.65 3.62
C ASN B 26 -3.57 -9.34 3.69
N GLN B 27 -2.70 -9.18 4.69
CA GLN B 27 -1.96 -7.92 4.87
C GLN B 27 -0.61 -7.91 4.20
N GLY B 28 -0.16 -9.05 3.72
CA GLY B 28 1.14 -9.14 3.07
C GLY B 28 2.32 -8.93 3.99
N ILE B 29 2.24 -9.48 5.20
CA ILE B 29 3.20 -9.22 6.26
C ILE B 29 4.43 -10.13 6.23
N THR B 30 4.23 -11.38 5.85
CA THR B 30 5.35 -12.32 5.85
C THR B 30 5.53 -12.94 4.45
N ASP B 31 6.74 -13.39 4.15
CA ASP B 31 6.99 -14.06 2.88
C ASP B 31 6.64 -15.54 2.98
N GLU B 32 6.89 -16.11 4.16
CA GLU B 32 6.68 -17.55 4.39
C GLU B 32 6.00 -17.82 5.72
N LEU B 33 5.16 -18.83 5.71
CA LEU B 33 4.48 -19.23 6.91
C LEU B 33 4.48 -20.75 6.95
N VAL B 34 4.91 -21.32 8.08
CA VAL B 34 4.72 -22.75 8.32
C VAL B 34 3.77 -23.00 9.48
N VAL B 35 2.86 -23.94 9.30
CA VAL B 35 1.87 -24.24 10.33
C VAL B 35 2.18 -25.59 10.97
N ILE B 36 2.23 -25.62 12.30
CA ILE B 36 2.61 -26.80 13.10
C ILE B 36 1.51 -27.18 14.09
N ASP B 37 1.02 -28.43 13.99
CA ASP B 37 -0.10 -28.90 14.79
C ASP B 37 -0.28 -30.40 14.60
N VAL B 38 -0.34 -31.16 15.69
CA VAL B 38 -0.56 -32.62 15.58
C VAL B 38 -1.90 -33.02 15.03
N ASN B 39 -2.91 -32.15 15.12
CA ASN B 39 -4.16 -32.38 14.38
C ASN B 39 -3.92 -32.17 12.89
N LYS B 40 -3.41 -33.22 12.25
CA LYS B 40 -2.90 -33.16 10.90
C LYS B 40 -3.97 -32.78 9.88
N GLU B 41 -5.15 -33.36 10.00
CA GLU B 41 -6.19 -33.16 8.98
C GLU B 41 -6.74 -31.72 9.01
N LYS B 42 -7.09 -31.21 10.18
CA LYS B 42 -7.52 -29.83 10.27
C LYS B 42 -6.40 -28.90 9.81
N ALA B 43 -5.16 -29.15 10.23
CA ALA B 43 -4.09 -28.22 9.91
C ALA B 43 -3.66 -28.26 8.43
N MET B 44 -3.57 -29.45 7.84
CA MET B 44 -3.29 -29.47 6.41
C MET B 44 -4.47 -28.93 5.63
N GLY B 45 -5.68 -29.11 6.15
CA GLY B 45 -6.89 -28.56 5.56
C GLY B 45 -6.77 -27.05 5.44
N ASP B 46 -6.41 -26.39 6.54
CA ASP B 46 -6.24 -24.94 6.54
C ASP B 46 -5.09 -24.48 5.65
N VAL B 47 -3.96 -25.19 5.68
CA VAL B 47 -2.83 -24.82 4.84
C VAL B 47 -3.27 -24.88 3.38
N MET B 48 -3.99 -25.94 3.04
CA MET B 48 -4.47 -26.15 1.67
C MET B 48 -5.48 -25.06 1.29
N ASP B 49 -6.38 -24.76 2.22
CA ASP B 49 -7.35 -23.68 2.04
C ASP B 49 -6.70 -22.29 1.86
N LEU B 50 -5.72 -21.98 2.70
CA LEU B 50 -4.98 -20.73 2.60
C LEU B 50 -4.18 -20.63 1.31
N ASN B 51 -3.70 -21.76 0.80
CA ASN B 51 -2.93 -21.76 -0.44
C ASN B 51 -3.82 -21.63 -1.66
N HIS B 52 -5.07 -22.08 -1.53
CA HIS B 52 -6.04 -22.12 -2.61
C HIS B 52 -6.22 -20.72 -3.21
N GLY B 53 -6.25 -19.72 -2.34
CA GLY B 53 -6.42 -18.36 -2.81
C GLY B 53 -5.18 -17.48 -2.74
N LYS B 54 -3.98 -18.06 -2.80
CA LYS B 54 -2.78 -17.22 -2.63
C LYS B 54 -2.67 -16.21 -3.76
N ALA B 55 -3.27 -16.55 -4.90
CA ALA B 55 -3.21 -15.68 -6.08
C ALA B 55 -3.81 -14.30 -5.86
N PHE B 56 -4.76 -14.19 -4.93
CA PHE B 56 -5.39 -12.91 -4.61
C PHE B 56 -4.75 -12.10 -3.49
N ALA B 57 -3.70 -12.64 -2.87
CA ALA B 57 -3.03 -11.93 -1.80
C ALA B 57 -2.21 -10.81 -2.38
N PRO B 58 -2.07 -9.72 -1.63
CA PRO B 58 -1.24 -8.60 -2.11
C PRO B 58 0.19 -9.05 -2.47
N GLN B 59 0.74 -9.95 -1.67
CA GLN B 59 2.08 -10.47 -1.92
C GLN B 59 2.03 -11.99 -1.97
N PRO B 60 2.83 -12.59 -2.85
CA PRO B 60 2.88 -14.05 -2.88
C PRO B 60 3.40 -14.55 -1.53
N VAL B 61 2.73 -15.51 -0.92
CA VAL B 61 3.14 -16.02 0.37
C VAL B 61 3.11 -17.54 0.38
N LYS B 62 4.23 -18.13 0.76
CA LYS B 62 4.36 -19.59 0.73
C LYS B 62 3.94 -20.19 2.07
N THR B 63 2.85 -20.97 2.06
CA THR B 63 2.33 -21.56 3.28
C THR B 63 2.51 -23.08 3.28
N SER B 64 2.98 -23.64 4.39
CA SER B 64 3.13 -25.10 4.45
C SER B 64 2.78 -25.71 5.79
N TYR B 65 2.55 -27.01 5.77
CA TYR B 65 2.40 -27.81 6.96
C TYR B 65 3.76 -28.41 7.35
N GLY B 66 4.16 -28.28 8.61
CA GLY B 66 5.44 -28.82 9.04
C GLY B 66 5.47 -29.19 10.51
N THR B 67 6.68 -29.43 11.02
CA THR B 67 6.79 -29.64 12.45
C THR B 67 7.98 -28.87 12.98
N TYR B 68 8.42 -29.16 14.19
CA TYR B 68 9.40 -28.30 14.85
C TYR B 68 10.68 -28.09 14.05
N GLU B 69 11.15 -29.11 13.35
CA GLU B 69 12.39 -28.99 12.59
C GLU B 69 12.28 -27.86 11.57
N ASP B 70 11.06 -27.54 11.19
CA ASP B 70 10.85 -26.53 10.16
C ASP B 70 10.94 -25.11 10.73
N CYS B 71 11.23 -25.01 12.03
CA CYS B 71 11.43 -23.73 12.70
C CYS B 71 12.87 -23.23 12.59
N LYS B 72 13.78 -24.07 12.11
CA LYS B 72 15.19 -23.73 12.16
C LYS B 72 15.44 -22.32 11.63
N ASP B 73 14.84 -21.99 10.50
CA ASP B 73 15.12 -20.74 9.81
C ASP B 73 14.02 -19.67 9.96
N ALA B 74 13.06 -19.92 10.86
CA ALA B 74 12.00 -18.97 11.13
C ALA B 74 12.49 -17.72 11.87
N ASP B 75 11.92 -16.58 11.54
CA ASP B 75 12.24 -15.34 12.23
C ASP B 75 11.45 -15.23 13.52
N ILE B 76 10.22 -15.71 13.45
CA ILE B 76 9.31 -15.65 14.58
C ILE B 76 8.69 -17.00 14.75
N VAL B 77 8.54 -17.43 16.00
CA VAL B 77 7.66 -18.56 16.30
C VAL B 77 6.50 -18.01 17.11
N CYS B 78 5.29 -18.22 16.61
CA CYS B 78 4.10 -17.73 17.30
C CYS B 78 3.35 -18.90 17.90
N ILE B 79 3.13 -18.87 19.20
CA ILE B 79 2.53 -20.02 19.86
C ILE B 79 1.11 -19.70 20.27
N CYS B 80 0.16 -20.45 19.72
CA CYS B 80 -1.26 -20.27 20.02
C CYS B 80 -1.83 -21.53 20.63
N ALA B 81 -1.04 -22.58 20.65
CA ALA B 81 -1.45 -23.85 21.24
C ALA B 81 -1.65 -23.76 22.75
N GLY B 82 -2.56 -24.58 23.27
CA GLY B 82 -2.72 -24.69 24.70
C GLY B 82 -4.09 -25.21 25.01
N ALA B 83 -4.25 -25.72 26.23
CA ALA B 83 -5.56 -26.06 26.75
C ALA B 83 -6.36 -24.77 26.93
N ASN B 84 -7.68 -24.89 26.92
CA ASN B 84 -8.52 -23.72 27.18
C ASN B 84 -9.22 -23.79 28.55
N GLN B 85 -9.34 -22.63 29.18
CA GLN B 85 -9.79 -22.52 30.57
C GLN B 85 -11.23 -23.02 30.77
N LYS B 86 -11.36 -24.21 31.37
CA LYS B 86 -12.65 -24.83 31.64
C LYS B 86 -13.42 -24.07 32.73
N PRO B 87 -14.75 -24.10 32.67
CA PRO B 87 -15.55 -23.47 33.74
C PRO B 87 -15.28 -24.14 35.08
N GLY B 88 -15.12 -23.33 36.13
CA GLY B 88 -14.86 -23.86 37.47
C GLY B 88 -13.42 -24.28 37.71
N GLU B 89 -12.58 -24.13 36.69
CA GLU B 89 -11.15 -24.38 36.80
C GLU B 89 -10.49 -23.05 37.14
N THR B 90 -9.51 -23.07 38.05
CA THR B 90 -8.78 -21.84 38.39
C THR B 90 -7.68 -21.59 37.36
N ARG B 91 -7.15 -20.37 37.32
CA ARG B 91 -6.08 -20.09 36.39
C ARG B 91 -4.84 -20.88 36.73
N LEU B 92 -4.60 -21.10 38.02
CA LEU B 92 -3.45 -21.88 38.46
C LEU B 92 -3.57 -23.35 38.01
N GLU B 93 -4.78 -23.88 37.98
CA GLU B 93 -5.00 -25.20 37.38
C GLU B 93 -4.80 -25.21 35.85
N LEU B 94 -5.16 -24.13 35.18
CA LEU B 94 -4.94 -24.02 33.75
C LEU B 94 -3.47 -23.91 33.44
N VAL B 95 -2.78 -23.10 34.21
CA VAL B 95 -1.34 -22.90 34.05
C VAL B 95 -0.54 -24.17 34.21
N GLU B 96 -0.96 -25.03 35.14
CA GLU B 96 -0.29 -26.30 35.33
C GLU B 96 -0.33 -27.10 34.02
N LYS B 97 -1.49 -27.15 33.39
CA LYS B 97 -1.63 -27.82 32.09
C LYS B 97 -0.81 -27.17 30.97
N ASN B 98 -0.94 -25.86 30.82
CA ASN B 98 -0.22 -25.16 29.76
C ASN B 98 1.29 -25.11 29.96
N LEU B 99 1.76 -25.16 31.22
CA LEU B 99 3.20 -25.23 31.43
C LEU B 99 3.77 -26.54 30.93
N LYS B 100 3.01 -27.63 31.08
CA LYS B 100 3.52 -28.92 30.62
C LYS B 100 3.60 -28.90 29.10
N ILE B 101 2.56 -28.40 28.47
CA ILE B 101 2.48 -28.28 27.01
C ILE B 101 3.61 -27.38 26.48
N PHE B 102 3.81 -26.22 27.11
CA PHE B 102 4.82 -25.29 26.63
C PHE B 102 6.25 -25.82 26.82
N LYS B 103 6.45 -26.56 27.89
CA LYS B 103 7.74 -27.19 28.17
C LYS B 103 8.13 -28.03 26.95
N GLY B 104 7.23 -28.87 26.47
CA GLY B 104 7.50 -29.66 25.27
C GLY B 104 7.67 -28.81 24.00
N ILE B 105 6.80 -27.83 23.80
CA ILE B 105 6.91 -27.02 22.59
C ILE B 105 8.21 -26.25 22.54
N VAL B 106 8.56 -25.55 23.61
CA VAL B 106 9.73 -24.68 23.59
C VAL B 106 11.02 -25.48 23.47
N SER B 107 11.06 -26.59 24.21
CA SER B 107 12.18 -27.50 24.14
C SER B 107 12.42 -27.96 22.70
N GLU B 108 11.38 -28.42 22.04
CA GLU B 108 11.50 -28.90 20.66
C GLU B 108 11.87 -27.81 19.68
N VAL B 109 11.34 -26.59 19.83
CA VAL B 109 11.75 -25.57 18.86
C VAL B 109 13.19 -25.14 19.09
N MET B 110 13.63 -25.09 20.34
CA MET B 110 15.04 -24.74 20.60
C MET B 110 15.99 -25.78 19.96
N ALA B 111 15.62 -27.06 20.04
CA ALA B 111 16.46 -28.15 19.54
C ALA B 111 16.50 -28.20 18.02
N SER B 112 15.59 -27.47 17.37
CA SER B 112 15.54 -27.47 15.91
C SER B 112 16.61 -26.58 15.34
N GLY B 113 17.21 -25.74 16.18
CA GLY B 113 18.12 -24.72 15.69
C GLY B 113 17.55 -23.29 15.69
N PHE B 114 16.28 -23.14 16.07
CA PHE B 114 15.61 -21.84 16.03
C PHE B 114 16.40 -20.77 16.78
N ASP B 115 16.44 -19.55 16.23
CA ASP B 115 17.20 -18.48 16.85
C ASP B 115 16.56 -17.14 16.55
N GLY B 116 15.24 -17.09 16.60
CA GLY B 116 14.48 -15.87 16.34
C GLY B 116 13.80 -15.30 17.56
N ILE B 117 12.60 -14.75 17.35
CA ILE B 117 11.78 -14.19 18.42
C ILE B 117 10.62 -15.13 18.71
N PHE B 118 10.24 -15.29 19.98
CA PHE B 118 8.97 -15.94 20.33
C PHE B 118 7.89 -14.88 20.53
N LEU B 119 6.71 -15.15 19.98
CA LEU B 119 5.53 -14.34 20.23
C LEU B 119 4.48 -15.27 20.82
N VAL B 120 4.04 -14.98 22.05
CA VAL B 120 3.15 -15.88 22.79
C VAL B 120 1.73 -15.34 22.85
N ALA B 121 0.76 -16.16 22.47
CA ALA B 121 -0.65 -15.74 22.43
C ALA B 121 -1.56 -16.43 23.44
N THR B 122 -1.18 -17.63 23.85
CA THR B 122 -1.99 -18.47 24.73
C THR B 122 -2.19 -17.92 26.15
N ASN B 123 -3.38 -18.10 26.70
CA ASN B 123 -3.69 -17.67 28.07
C ASN B 123 -3.25 -18.59 29.23
N PRO B 124 -2.88 -17.99 30.39
CA PRO B 124 -2.64 -16.56 30.65
C PRO B 124 -1.35 -16.05 30.00
N VAL B 125 -1.46 -15.05 29.14
CA VAL B 125 -0.36 -14.74 28.24
C VAL B 125 0.93 -14.28 28.96
N ASP B 126 0.79 -13.51 30.03
CA ASP B 126 1.96 -13.00 30.74
C ASP B 126 2.72 -14.12 31.46
N ILE B 127 1.95 -15.07 31.98
CA ILE B 127 2.54 -16.22 32.64
C ILE B 127 3.29 -17.08 31.66
N LEU B 128 2.66 -17.35 30.52
CA LEU B 128 3.26 -18.25 29.54
C LEU B 128 4.41 -17.58 28.79
N THR B 129 4.41 -16.25 28.76
CA THR B 129 5.51 -15.54 28.16
C THR B 129 6.74 -15.68 29.06
N TYR B 130 6.54 -15.52 30.36
CA TYR B 130 7.60 -15.74 31.35
C TYR B 130 8.17 -17.16 31.27
N ALA B 131 7.29 -18.17 31.22
CA ALA B 131 7.67 -19.57 31.11
C ALA B 131 8.48 -19.84 29.86
N THR B 132 8.05 -19.27 28.74
CA THR B 132 8.76 -19.43 27.49
C THR B 132 10.16 -18.84 27.55
N TRP B 133 10.32 -17.77 28.33
CA TRP B 133 11.61 -17.18 28.57
C TRP B 133 12.51 -18.15 29.33
N LYS B 134 12.00 -18.64 30.47
CA LYS B 134 12.72 -19.61 31.28
C LYS B 134 13.07 -20.88 30.50
N PHE B 135 12.10 -21.43 29.77
CA PHE B 135 12.28 -22.69 29.03
C PHE B 135 13.25 -22.57 27.86
N SER B 136 13.33 -21.38 27.29
CA SER B 136 14.10 -21.21 26.07
C SER B 136 15.58 -20.86 26.31
N GLY B 137 15.89 -20.22 27.43
CA GLY B 137 17.22 -19.65 27.61
C GLY B 137 17.56 -18.44 26.73
N LEU B 138 16.57 -17.91 26.00
CA LEU B 138 16.79 -16.75 25.17
C LEU B 138 16.89 -15.46 26.00
N PRO B 139 17.53 -14.40 25.43
CA PRO B 139 17.45 -13.10 26.09
C PRO B 139 15.99 -12.65 26.19
N LYS B 140 15.67 -11.94 27.27
CA LYS B 140 14.31 -11.55 27.56
C LYS B 140 13.69 -10.61 26.50
N GLU B 141 14.55 -9.98 25.70
CA GLU B 141 14.10 -9.07 24.67
C GLU B 141 13.52 -9.84 23.52
N ARG B 142 13.83 -11.13 23.47
CA ARG B 142 13.41 -11.95 22.32
C ARG B 142 12.22 -12.88 22.59
N VAL B 143 11.64 -12.73 23.78
CA VAL B 143 10.41 -13.43 24.11
C VAL B 143 9.38 -12.37 24.38
N ILE B 144 8.30 -12.38 23.60
CA ILE B 144 7.32 -11.30 23.60
C ILE B 144 5.91 -11.90 23.72
N GLY B 145 5.10 -11.34 24.59
CA GLY B 145 3.70 -11.72 24.66
C GLY B 145 2.76 -10.67 24.09
N SER B 146 1.54 -11.08 23.77
CA SER B 146 0.62 -10.17 23.13
C SER B 146 0.13 -9.11 24.10
N GLY B 147 0.26 -9.36 25.40
CA GLY B 147 -0.02 -8.35 26.43
C GLY B 147 -1.39 -7.70 26.42
N THR B 148 -1.44 -6.42 26.75
CA THR B 148 -2.70 -5.65 26.71
C THR B 148 -2.83 -4.94 25.36
N THR B 149 -2.03 -5.37 24.42
CA THR B 149 -1.96 -4.78 23.10
C THR B 149 -3.34 -4.56 22.43
N LEU B 150 -4.23 -5.53 22.51
CA LEU B 150 -5.54 -5.40 21.89
C LEU B 150 -6.44 -4.42 22.66
N ASP B 151 -6.51 -4.57 23.98
CA ASP B 151 -7.29 -3.67 24.80
C ASP B 151 -6.80 -2.21 24.69
N SER B 152 -5.49 -2.04 24.74
CA SER B 152 -4.91 -0.74 24.58
C SER B 152 -5.42 -0.11 23.28
N ALA B 153 -5.25 -0.81 22.16
CA ALA B 153 -5.60 -0.23 20.87
C ALA B 153 -7.10 0.04 20.74
N ARG B 154 -7.94 -0.81 21.28
CA ARG B 154 -9.36 -0.52 21.30
C ARG B 154 -9.63 0.73 22.16
N PHE B 155 -8.99 0.81 23.32
CA PHE B 155 -9.07 1.97 24.21
C PHE B 155 -8.67 3.23 23.45
N ARG B 156 -7.61 3.15 22.67
CA ARG B 156 -7.05 4.29 21.93
C ARG B 156 -7.79 4.60 20.62
N PHE B 157 -8.70 3.71 20.21
CA PHE B 157 -9.60 3.97 19.09
C PHE B 157 -10.92 4.63 19.53
N MET B 158 -11.49 4.16 20.64
CA MET B 158 -12.70 4.76 21.20
C MET B 158 -12.52 6.28 21.35
N LEU B 159 -11.60 6.65 22.23
CA LEU B 159 -11.19 8.03 22.41
C LEU B 159 -10.91 8.74 21.07
N SER B 160 -10.27 8.07 20.10
CA SER B 160 -9.99 8.65 18.78
C SER B 160 -11.29 9.10 18.10
N GLU B 161 -12.32 8.27 18.23
CA GLU B 161 -13.62 8.59 17.65
C GLU B 161 -14.36 9.58 18.54
N TYR B 162 -13.95 9.64 19.81
CA TYR B 162 -14.64 10.44 20.82
C TYR B 162 -14.23 11.93 20.88
N PHE B 163 -12.95 12.21 20.66
CA PHE B 163 -12.43 13.57 20.71
C PHE B 163 -12.16 14.08 19.29
N GLY B 164 -12.34 13.18 18.32
CA GLY B 164 -12.30 13.54 16.90
C GLY B 164 -10.95 13.74 16.21
N ALA B 165 -9.89 13.11 16.70
CA ALA B 165 -8.58 13.16 16.05
C ALA B 165 -8.22 11.79 15.52
N ALA B 166 -7.16 11.72 14.71
CA ALA B 166 -6.70 10.41 14.24
C ALA B 166 -6.04 9.61 15.37
N PRO B 167 -6.13 8.28 15.25
CA PRO B 167 -5.44 7.48 16.26
C PRO B 167 -3.97 7.90 16.37
N GLN B 168 -3.24 8.11 15.27
CA GLN B 168 -1.79 8.41 15.39
C GLN B 168 -1.50 9.64 16.25
N ASN B 169 -2.57 10.37 16.59
CA ASN B 169 -2.47 11.64 17.33
C ASN B 169 -2.95 11.50 18.79
N VAL B 170 -3.71 10.44 19.03
CA VAL B 170 -4.18 10.09 20.37
C VAL B 170 -3.22 9.18 21.15
N CYS B 171 -2.93 9.56 22.39
CA CYS B 171 -2.12 8.73 23.27
C CYS B 171 -2.97 8.15 24.41
N ALA B 172 -3.04 6.82 24.47
CA ALA B 172 -3.75 6.15 25.56
C ALA B 172 -3.28 4.70 25.73
N HIS B 173 -2.75 4.40 26.90
CA HIS B 173 -2.28 3.05 27.18
C HIS B 173 -3.14 2.37 28.25
N ILE B 174 -3.41 1.09 28.00
CA ILE B 174 -3.85 0.18 29.04
C ILE B 174 -2.63 -0.65 29.43
N ILE B 175 -2.32 -0.74 30.72
CA ILE B 175 -1.18 -1.56 31.14
C ILE B 175 -1.52 -2.58 32.22
N GLY B 176 -0.55 -3.44 32.49
CA GLY B 176 -0.69 -4.43 33.54
C GLY B 176 -0.99 -5.80 32.97
N GLU B 177 -1.54 -6.66 33.80
CA GLU B 177 -1.92 -8.01 33.42
C GLU B 177 -3.02 -8.02 32.36
N HIS B 178 -2.83 -8.81 31.32
CA HIS B 178 -3.90 -9.02 30.36
C HIS B 178 -5.12 -9.64 31.05
N GLY B 179 -6.07 -8.82 31.47
CA GLY B 179 -7.18 -9.32 32.25
C GLY B 179 -7.77 -8.26 33.16
N ASP B 180 -8.49 -8.69 34.19
CA ASP B 180 -9.29 -7.81 35.02
C ASP B 180 -8.53 -6.75 35.82
N THR B 181 -7.27 -6.97 36.12
CA THR B 181 -6.55 -5.95 36.86
C THR B 181 -5.80 -4.92 35.96
N GLU B 182 -5.98 -5.01 34.65
CA GLU B 182 -5.35 -4.03 33.77
C GLU B 182 -5.92 -2.63 34.03
N LEU B 183 -5.08 -1.60 33.94
CA LEU B 183 -5.52 -0.24 34.26
C LEU B 183 -5.28 0.73 33.12
N PRO B 184 -6.15 1.76 32.99
CA PRO B 184 -5.90 2.87 32.08
C PRO B 184 -4.87 3.81 32.67
N VAL B 185 -3.94 4.32 31.88
CA VAL B 185 -3.05 5.34 32.39
C VAL B 185 -3.59 6.75 32.06
N TRP B 186 -4.63 7.18 32.76
CA TRP B 186 -5.28 8.45 32.47
C TRP B 186 -4.30 9.62 32.56
N SER B 187 -3.36 9.51 33.48
CA SER B 187 -2.43 10.60 33.76
C SER B 187 -1.59 10.99 32.53
N HIS B 188 -1.57 10.13 31.53
CA HIS B 188 -0.75 10.35 30.35
C HIS B 188 -1.56 10.26 29.08
N ALA B 189 -2.87 10.07 29.20
CA ALA B 189 -3.73 10.07 28.04
C ALA B 189 -3.83 11.50 27.50
N ASN B 190 -3.49 11.69 26.24
CA ASN B 190 -3.59 13.01 25.62
C ASN B 190 -3.94 13.01 24.14
N VAL B 191 -4.71 14.02 23.73
CA VAL B 191 -5.05 14.22 22.32
C VAL B 191 -4.21 15.34 21.70
N GLY B 192 -3.48 15.03 20.65
CA GLY B 192 -2.61 16.01 20.02
C GLY B 192 -1.61 16.60 20.98
N GLY B 193 -1.55 16.05 22.19
CA GLY B 193 -0.67 16.57 23.22
C GLY B 193 -1.42 17.22 24.38
N VAL B 194 -2.75 17.30 24.27
CA VAL B 194 -3.58 17.89 25.31
C VAL B 194 -4.08 16.83 26.27
N PRO B 195 -3.62 16.86 27.53
CA PRO B 195 -4.05 15.84 28.50
C PRO B 195 -5.56 15.70 28.50
N VAL B 196 -6.05 14.48 28.68
CA VAL B 196 -7.48 14.22 28.73
C VAL B 196 -8.14 15.01 29.84
N SER B 197 -7.44 15.19 30.95
CA SER B 197 -8.02 15.86 32.12
C SER B 197 -8.31 17.33 31.83
N GLU B 198 -7.43 17.98 31.08
CA GLU B 198 -7.71 19.32 30.60
C GLU B 198 -8.93 19.33 29.69
N LEU B 199 -8.97 18.40 28.74
CA LEU B 199 -10.08 18.32 27.77
C LEU B 199 -11.43 18.13 28.45
N VAL B 200 -11.42 17.48 29.60
CA VAL B 200 -12.66 17.23 30.31
C VAL B 200 -13.14 18.52 30.95
N GLU B 201 -12.23 19.22 31.61
CA GLU B 201 -12.54 20.48 32.28
C GLU B 201 -13.01 21.59 31.33
N LYS B 202 -12.15 21.99 30.41
CA LYS B 202 -12.45 23.08 29.48
C LYS B 202 -13.60 22.78 28.49
N ASN B 203 -14.33 21.68 28.74
CA ASN B 203 -15.53 21.33 27.97
C ASN B 203 -16.52 20.55 28.83
N ASP B 204 -17.70 20.32 28.30
CA ASP B 204 -18.55 19.27 28.88
C ASP B 204 -19.47 18.61 27.88
N ALA B 205 -19.07 18.70 26.61
CA ALA B 205 -19.32 17.66 25.64
C ALA B 205 -18.34 16.50 25.96
N TYR B 206 -17.52 16.69 27.00
CA TYR B 206 -16.50 15.72 27.40
C TYR B 206 -16.55 15.42 28.89
N LYS B 207 -17.54 14.65 29.31
CA LYS B 207 -17.69 14.33 30.73
C LYS B 207 -16.89 13.10 31.13
N GLN B 208 -16.70 12.93 32.44
CA GLN B 208 -15.87 11.86 33.00
C GLN B 208 -16.41 10.44 32.79
N GLU B 209 -17.69 10.25 33.06
CA GLU B 209 -18.28 8.92 33.01
C GLU B 209 -18.24 8.30 31.64
N GLU B 210 -18.45 9.12 30.61
CA GLU B 210 -18.26 8.69 29.22
C GLU B 210 -16.88 8.03 29.08
N LEU B 211 -15.92 8.57 29.81
CA LEU B 211 -14.58 8.03 29.84
C LEU B 211 -14.47 6.75 30.66
N ASP B 212 -14.96 6.77 31.90
CA ASP B 212 -14.84 5.60 32.76
C ASP B 212 -15.57 4.40 32.19
N GLN B 213 -16.58 4.64 31.37
CA GLN B 213 -17.39 3.56 30.83
C GLN B 213 -16.72 2.97 29.62
N ILE B 214 -16.07 3.84 28.85
CA ILE B 214 -15.22 3.38 27.77
C ILE B 214 -14.22 2.34 28.28
N VAL B 215 -13.73 2.52 29.51
CA VAL B 215 -12.82 1.57 30.12
C VAL B 215 -13.54 0.30 30.50
N ASP B 216 -14.70 0.43 31.13
CA ASP B 216 -15.39 -0.75 31.61
C ASP B 216 -15.81 -1.61 30.43
N ASP B 217 -16.11 -0.98 29.31
CA ASP B 217 -16.49 -1.69 28.10
C ASP B 217 -15.31 -2.35 27.39
N VAL B 218 -14.13 -1.74 27.49
CA VAL B 218 -12.93 -2.34 26.95
C VAL B 218 -12.63 -3.64 27.72
N LYS B 219 -12.77 -3.58 29.04
CA LYS B 219 -12.48 -4.73 29.89
C LYS B 219 -13.40 -5.92 29.68
N ASN B 220 -14.61 -5.66 29.19
CA ASN B 220 -15.63 -6.69 29.08
C ASN B 220 -15.84 -7.16 27.65
N ALA B 221 -15.14 -6.55 26.69
CA ALA B 221 -15.41 -6.80 25.28
C ALA B 221 -15.37 -8.28 24.96
N ALA B 222 -14.32 -8.97 25.41
CA ALA B 222 -14.16 -10.39 25.14
C ALA B 222 -15.35 -11.17 25.67
N TYR B 223 -15.71 -10.91 26.91
CA TYR B 223 -16.84 -11.60 27.55
C TYR B 223 -18.15 -11.52 26.75
N HIS B 224 -18.45 -10.33 26.22
CA HIS B 224 -19.67 -10.14 25.45
C HIS B 224 -19.61 -10.82 24.08
N ILE B 225 -18.43 -10.87 23.48
CA ILE B 225 -18.30 -11.57 22.22
C ILE B 225 -18.58 -13.03 22.50
N ILE B 226 -17.92 -13.55 23.53
CA ILE B 226 -18.06 -14.94 23.91
C ILE B 226 -19.51 -15.33 24.24
N GLU B 227 -20.27 -14.43 24.84
CA GLU B 227 -21.70 -14.65 25.08
C GLU B 227 -22.47 -14.90 23.80
N LYS B 228 -22.26 -14.06 22.78
CA LYS B 228 -23.07 -14.10 21.56
C LYS B 228 -22.55 -15.09 20.51
N LYS B 229 -21.24 -15.32 20.50
CA LYS B 229 -20.61 -16.03 19.40
C LYS B 229 -20.07 -17.38 19.84
N GLY B 230 -19.80 -17.54 21.13
CA GLY B 230 -19.20 -18.77 21.61
C GLY B 230 -17.70 -18.70 21.83
N ALA B 231 -17.02 -17.78 21.15
CA ALA B 231 -15.56 -17.65 21.26
C ALA B 231 -15.06 -16.33 20.64
N THR B 232 -13.84 -15.94 20.96
CA THR B 232 -13.28 -14.71 20.40
C THR B 232 -11.93 -14.97 19.74
N TYR B 233 -11.73 -14.45 18.52
CA TYR B 233 -10.47 -14.74 17.82
C TYR B 233 -10.05 -13.79 16.72
N TYR B 234 -10.97 -13.03 16.17
CA TYR B 234 -10.59 -12.09 15.14
C TYR B 234 -9.71 -10.96 15.70
N GLY B 235 -10.08 -10.42 16.84
CA GLY B 235 -9.32 -9.33 17.42
C GLY B 235 -7.93 -9.76 17.82
N VAL B 236 -7.86 -10.91 18.47
CA VAL B 236 -6.60 -11.49 18.90
C VAL B 236 -5.67 -11.72 17.71
N ALA B 237 -6.20 -12.35 16.64
CA ALA B 237 -5.45 -12.51 15.40
C ALA B 237 -4.87 -11.19 14.86
N MET B 238 -5.68 -10.13 14.87
CA MET B 238 -5.25 -8.82 14.36
C MET B 238 -4.14 -8.24 15.23
N SER B 239 -4.27 -8.40 16.54
CA SER B 239 -3.26 -7.85 17.42
C SER B 239 -1.95 -8.59 17.18
N LEU B 240 -2.02 -9.90 16.97
CA LEU B 240 -0.81 -10.69 16.68
C LEU B 240 -0.18 -10.31 15.34
N ALA B 241 -1.01 -10.05 14.33
CA ALA B 241 -0.47 -9.67 13.04
C ALA B 241 0.25 -8.33 13.18
N ARG B 242 -0.34 -7.44 13.97
CA ARG B 242 0.23 -6.12 14.21
C ARG B 242 1.60 -6.25 14.86
N ILE B 243 1.70 -7.03 15.91
CA ILE B 243 2.99 -7.24 16.57
C ILE B 243 4.00 -7.87 15.62
N THR B 244 3.56 -8.87 14.86
CA THR B 244 4.42 -9.53 13.87
C THR B 244 4.99 -8.53 12.85
N LYS B 245 4.15 -7.60 12.41
CA LYS B 245 4.55 -6.59 11.44
C LYS B 245 5.60 -5.62 12.02
N ALA B 246 5.39 -5.20 13.26
CA ALA B 246 6.38 -4.35 13.91
C ALA B 246 7.73 -5.07 13.97
N ILE B 247 7.71 -6.38 14.16
CA ILE B 247 8.96 -7.11 14.20
C ILE B 247 9.56 -7.33 12.81
N LEU B 248 8.82 -7.96 11.91
CA LEU B 248 9.38 -8.28 10.59
C LEU B 248 9.84 -7.04 9.81
N HIS B 249 9.23 -5.90 10.08
CA HIS B 249 9.53 -4.68 9.31
C HIS B 249 10.26 -3.64 10.12
N ASN B 250 10.73 -4.05 11.29
CA ASN B 250 11.66 -3.22 12.06
C ASN B 250 11.11 -1.80 12.27
N GLU B 251 9.89 -1.70 12.79
CA GLU B 251 9.17 -0.42 12.87
C GLU B 251 9.49 0.47 14.07
N ASN B 252 10.07 -0.10 15.13
CA ASN B 252 10.16 0.62 16.40
C ASN B 252 8.79 1.17 16.86
N SER B 253 7.73 0.41 16.64
CA SER B 253 6.41 0.77 17.15
C SER B 253 6.34 0.56 18.66
N ILE B 254 5.71 1.51 19.35
CA ILE B 254 5.44 1.33 20.77
C ILE B 254 4.11 0.60 20.98
N LEU B 255 4.18 -0.57 21.60
CA LEU B 255 3.04 -1.45 21.79
C LEU B 255 3.08 -1.99 23.22
N THR B 256 1.92 -2.15 23.86
CA THR B 256 1.88 -2.71 25.22
C THR B 256 1.97 -4.24 25.25
N VAL B 257 3.02 -4.78 24.68
CA VAL B 257 3.26 -6.22 24.70
C VAL B 257 3.73 -6.65 26.09
N SER B 258 3.69 -7.94 26.38
CA SER B 258 4.18 -8.48 27.65
C SER B 258 5.68 -8.38 27.60
N THR B 259 6.27 -7.76 28.62
CA THR B 259 7.68 -7.38 28.58
C THR B 259 8.29 -7.68 29.93
N TYR B 260 9.55 -8.09 29.94
CA TYR B 260 10.16 -8.42 31.23
C TYR B 260 10.59 -7.18 31.98
N LEU B 261 10.09 -7.02 33.21
CA LEU B 261 10.50 -5.90 34.05
C LEU B 261 11.40 -6.38 35.17
N ASP B 262 12.51 -5.69 35.40
CA ASP B 262 13.23 -5.86 36.66
C ASP B 262 13.59 -4.51 37.26
N GLY B 263 12.68 -3.97 38.08
CA GLY B 263 12.85 -2.65 38.65
C GLY B 263 11.87 -1.62 38.12
N GLN B 264 11.70 -1.56 36.80
CA GLN B 264 10.82 -0.56 36.23
C GLN B 264 9.43 -0.61 36.89
N TYR B 265 8.86 0.56 37.10
CA TYR B 265 7.53 0.71 37.69
C TYR B 265 7.43 0.08 39.07
N GLY B 266 8.58 -0.21 39.70
CA GLY B 266 8.60 -0.87 41.00
C GLY B 266 8.28 -2.37 40.94
N ALA B 267 8.41 -2.98 39.77
CA ALA B 267 8.12 -4.41 39.63
C ALA B 267 9.36 -5.22 39.30
N ASP B 268 9.49 -6.38 39.92
CA ASP B 268 10.67 -7.22 39.70
C ASP B 268 10.26 -8.59 39.20
N ASP B 269 11.02 -9.09 38.24
CA ASP B 269 10.97 -10.48 37.85
C ASP B 269 9.57 -10.94 37.47
N VAL B 270 9.02 -10.31 36.44
CA VAL B 270 7.67 -10.59 35.99
C VAL B 270 7.55 -10.06 34.55
N TYR B 271 6.82 -10.77 33.70
CA TYR B 271 6.44 -10.27 32.38
C TYR B 271 5.06 -9.62 32.53
N ILE B 272 4.87 -8.45 31.93
CA ILE B 272 3.62 -7.74 32.14
C ILE B 272 3.46 -6.72 31.01
N GLY B 273 2.23 -6.29 30.76
CA GLY B 273 1.96 -5.34 29.69
C GLY B 273 2.38 -3.91 30.04
N VAL B 274 3.46 -3.45 29.42
CA VAL B 274 3.84 -2.04 29.46
C VAL B 274 4.22 -1.63 28.05
N PRO B 275 4.17 -0.32 27.75
CA PRO B 275 4.55 0.12 26.41
C PRO B 275 6.03 -0.05 26.14
N ALA B 276 6.35 -0.73 25.06
CA ALA B 276 7.72 -1.08 24.76
C ALA B 276 7.91 -0.86 23.27
N VAL B 277 9.12 -0.49 22.88
CA VAL B 277 9.45 -0.27 21.47
C VAL B 277 9.76 -1.62 20.86
N VAL B 278 9.05 -1.96 19.80
CA VAL B 278 9.23 -3.25 19.16
C VAL B 278 9.86 -3.13 17.79
N ASN B 279 10.98 -3.83 17.59
CA ASN B 279 11.59 -3.89 16.27
C ASN B 279 12.11 -5.29 15.85
N ARG B 280 12.96 -5.33 14.83
CA ARG B 280 13.41 -6.60 14.28
C ARG B 280 14.20 -7.45 15.30
N GLY B 281 14.82 -6.81 16.30
CA GLY B 281 15.50 -7.52 17.37
C GLY B 281 14.63 -7.82 18.58
N GLY B 282 13.35 -7.48 18.50
CA GLY B 282 12.44 -7.72 19.60
C GLY B 282 12.17 -6.44 20.38
N ILE B 283 12.33 -6.52 21.68
CA ILE B 283 12.16 -5.35 22.54
C ILE B 283 13.39 -4.47 22.43
N ALA B 284 13.19 -3.23 22.01
CA ALA B 284 14.31 -2.31 21.83
C ALA B 284 14.48 -1.40 23.05
N GLY B 285 13.37 -1.08 23.71
CA GLY B 285 13.40 -0.22 24.89
C GLY B 285 12.05 -0.24 25.57
N ILE B 286 12.02 0.17 26.83
CA ILE B 286 10.81 0.18 27.61
C ILE B 286 10.46 1.60 28.02
N THR B 287 9.32 2.07 27.53
CA THR B 287 8.81 3.38 27.91
C THR B 287 8.43 3.37 29.37
N GLU B 288 9.09 4.22 30.16
CA GLU B 288 8.73 4.31 31.57
C GLU B 288 7.88 5.51 31.95
N LEU B 289 6.57 5.31 31.91
CA LEU B 289 5.65 6.36 32.27
C LEU B 289 5.76 6.66 33.77
N ASN B 290 5.62 7.92 34.13
CA ASN B 290 5.63 8.34 35.51
C ASN B 290 4.22 8.30 36.10
N LEU B 291 3.83 7.13 36.60
CA LEU B 291 2.48 6.90 37.08
C LEU B 291 2.17 7.72 38.31
N ASN B 292 0.93 8.15 38.44
CA ASN B 292 0.49 8.85 39.64
C ASN B 292 0.16 7.85 40.78
N GLU B 293 -0.15 8.35 41.96
CA GLU B 293 -0.28 7.51 43.15
C GLU B 293 -1.20 6.32 42.92
N LYS B 294 -2.38 6.61 42.40
CA LYS B 294 -3.40 5.61 42.14
C LYS B 294 -2.90 4.54 41.16
N GLU B 295 -2.42 4.96 40.00
CA GLU B 295 -1.97 4.06 38.96
C GLU B 295 -0.85 3.15 39.42
N LYS B 296 0.04 3.72 40.22
CA LYS B 296 1.20 3.01 40.73
C LYS B 296 0.75 1.85 41.62
N GLU B 297 -0.30 2.07 42.40
CA GLU B 297 -0.85 1.05 43.26
C GLU B 297 -1.61 -0.02 42.47
N GLN B 298 -2.39 0.42 41.49
CA GLN B 298 -3.09 -0.51 40.61
C GLN B 298 -2.10 -1.42 39.90
N PHE B 299 -1.02 -0.82 39.40
CA PHE B 299 0.00 -1.57 38.66
C PHE B 299 0.73 -2.62 39.49
N LEU B 300 1.16 -2.26 40.70
CA LEU B 300 1.85 -3.21 41.57
C LEU B 300 0.88 -4.32 42.04
N HIS B 301 -0.40 -4.00 42.17
CA HIS B 301 -1.36 -5.06 42.43
C HIS B 301 -1.44 -6.00 41.22
N SER B 302 -1.46 -5.44 40.02
CA SER B 302 -1.50 -6.23 38.79
C SER B 302 -0.25 -7.10 38.63
N ALA B 303 0.92 -6.56 38.93
CA ALA B 303 2.15 -7.33 38.89
C ALA B 303 2.10 -8.41 39.97
N GLY B 304 1.45 -8.08 41.09
CA GLY B 304 1.29 -9.00 42.20
C GLY B 304 0.44 -10.22 41.90
N VAL B 305 -0.69 -10.05 41.21
CA VAL B 305 -1.49 -11.23 40.92
C VAL B 305 -0.76 -12.15 39.95
N LEU B 306 0.15 -11.61 39.14
CA LEU B 306 0.96 -12.46 38.28
C LEU B 306 2.03 -13.23 39.05
N LYS B 307 2.74 -12.55 39.93
CA LYS B 307 3.74 -13.25 40.74
C LYS B 307 3.13 -14.35 41.64
N ASN B 308 1.89 -14.14 42.11
CA ASN B 308 1.15 -15.15 42.85
C ASN B 308 0.96 -16.44 42.05
N ILE B 309 0.76 -16.30 40.75
CA ILE B 309 0.68 -17.45 39.87
C ILE B 309 2.05 -18.06 39.50
N LEU B 310 3.09 -17.24 39.37
CA LEU B 310 4.43 -17.77 39.02
C LEU B 310 5.10 -18.51 40.17
N LYS B 311 4.95 -17.96 41.36
CA LYS B 311 5.64 -18.44 42.52
C LYS B 311 5.55 -19.96 42.76
N PRO B 312 4.33 -20.56 42.70
CA PRO B 312 4.26 -22.02 42.85
C PRO B 312 5.00 -22.80 41.75
N HIS B 313 5.23 -22.17 40.59
CA HIS B 313 5.87 -22.85 39.48
C HIS B 313 7.33 -22.49 39.24
N PHE B 314 7.78 -21.35 39.76
CA PHE B 314 9.16 -20.95 39.54
C PHE B 314 9.78 -20.42 40.83
N ALA B 315 11.09 -20.54 40.97
CA ALA B 315 11.82 -19.85 42.04
C ALA B 315 11.74 -18.32 41.87
N LYS C 3 -19.43 13.08 -1.31
CA LYS C 3 -18.49 11.99 -1.60
C LYS C 3 -19.10 10.60 -1.35
N HIS C 4 -18.96 9.72 -2.34
CA HIS C 4 -19.58 8.41 -2.26
C HIS C 4 -18.92 7.55 -1.17
N VAL C 5 -19.73 6.86 -0.36
CA VAL C 5 -19.18 5.89 0.55
C VAL C 5 -19.57 4.48 0.09
N ASN C 6 -18.56 3.66 -0.19
CA ASN C 6 -18.76 2.29 -0.64
C ASN C 6 -19.36 1.43 0.46
N LYS C 7 -20.44 0.73 0.15
CA LYS C 7 -21.09 -0.08 1.17
C LYS C 7 -21.36 -1.48 0.66
N VAL C 8 -21.14 -2.48 1.52
CA VAL C 8 -21.37 -3.86 1.16
C VAL C 8 -22.33 -4.45 2.18
N ALA C 9 -23.34 -5.18 1.70
CA ALA C 9 -24.20 -5.93 2.60
C ALA C 9 -23.92 -7.39 2.41
N LEU C 10 -23.69 -8.08 3.51
CA LEU C 10 -23.37 -9.50 3.45
C LEU C 10 -24.50 -10.31 4.04
N ILE C 11 -24.95 -11.31 3.29
CA ILE C 11 -26.04 -12.15 3.76
C ILE C 11 -25.53 -13.56 3.96
N GLY C 12 -25.44 -13.97 5.22
CA GLY C 12 -24.86 -15.24 5.60
C GLY C 12 -23.50 -15.07 6.25
N ALA C 13 -23.48 -15.10 7.58
CA ALA C 13 -22.22 -15.06 8.34
C ALA C 13 -21.74 -16.44 8.80
N GLY C 14 -21.67 -17.40 7.88
CA GLY C 14 -21.06 -18.68 8.17
C GLY C 14 -19.56 -18.64 7.92
N PHE C 15 -18.97 -19.78 7.58
CA PHE C 15 -17.54 -19.83 7.36
C PHE C 15 -17.12 -18.91 6.23
N VAL C 16 -17.80 -19.03 5.09
CA VAL C 16 -17.50 -18.18 3.94
C VAL C 16 -17.80 -16.69 4.17
N GLY C 17 -18.96 -16.38 4.74
CA GLY C 17 -19.33 -15.00 4.96
C GLY C 17 -18.41 -14.31 5.95
N SER C 18 -18.23 -14.94 7.10
CA SER C 18 -17.27 -14.47 8.10
C SER C 18 -15.84 -14.24 7.57
N SER C 19 -15.30 -15.19 6.80
CA SER C 19 -13.96 -15.03 6.22
C SER C 19 -13.90 -13.92 5.20
N TYR C 20 -14.98 -13.78 4.42
CA TYR C 20 -15.11 -12.73 3.42
C TYR C 20 -15.03 -11.39 4.12
N ALA C 21 -15.75 -11.27 5.22
CA ALA C 21 -15.76 -10.04 6.02
C ALA C 21 -14.36 -9.68 6.55
N PHE C 22 -13.72 -10.65 7.18
CA PHE C 22 -12.37 -10.49 7.70
C PHE C 22 -11.41 -10.13 6.58
N ALA C 23 -11.58 -10.73 5.41
CA ALA C 23 -10.75 -10.35 4.28
C ALA C 23 -10.99 -8.89 3.83
N LEU C 24 -12.23 -8.43 3.87
CA LEU C 24 -12.49 -7.05 3.47
C LEU C 24 -11.83 -6.10 4.46
N ILE C 25 -11.96 -6.42 5.73
CA ILE C 25 -11.38 -5.60 6.78
C ILE C 25 -9.85 -5.56 6.71
N ASN C 26 -9.22 -6.73 6.55
CA ASN C 26 -7.77 -6.80 6.39
C ASN C 26 -7.25 -6.13 5.14
N GLN C 27 -8.02 -6.16 4.06
CA GLN C 27 -7.56 -5.54 2.82
C GLN C 27 -7.94 -4.07 2.63
N GLY C 28 -8.83 -3.55 3.48
CA GLY C 28 -9.31 -2.17 3.36
C GLY C 28 -10.09 -1.92 2.07
N ILE C 29 -10.99 -2.84 1.71
CA ILE C 29 -11.63 -2.78 0.40
C ILE C 29 -12.90 -1.92 0.35
N THR C 30 -13.70 -1.97 1.41
CA THR C 30 -14.92 -1.19 1.45
C THR C 30 -14.90 -0.18 2.60
N ASP C 31 -15.83 0.77 2.58
CA ASP C 31 -15.95 1.73 3.67
C ASP C 31 -16.88 1.20 4.76
N GLU C 32 -17.94 0.51 4.36
CA GLU C 32 -18.92 0.04 5.33
C GLU C 32 -19.30 -1.35 4.98
N LEU C 33 -19.64 -2.11 6.00
CA LEU C 33 -20.10 -3.46 5.81
C LEU C 33 -21.20 -3.78 6.82
N VAL C 34 -22.31 -4.33 6.32
CA VAL C 34 -23.43 -4.78 7.16
C VAL C 34 -23.54 -6.29 7.10
N VAL C 35 -23.81 -6.91 8.25
CA VAL C 35 -23.91 -8.36 8.27
C VAL C 35 -25.31 -8.83 8.64
N ILE C 36 -25.91 -9.65 7.78
CA ILE C 36 -27.26 -10.13 7.97
C ILE C 36 -27.32 -11.66 8.05
N ASP C 37 -28.03 -12.20 9.04
CA ASP C 37 -28.19 -13.65 9.16
C ASP C 37 -29.45 -14.04 9.93
N VAL C 38 -30.12 -15.10 9.50
CA VAL C 38 -31.30 -15.61 10.23
C VAL C 38 -30.94 -15.86 11.68
N ASN C 39 -29.77 -16.47 11.88
CA ASN C 39 -29.21 -16.62 13.21
C ASN C 39 -28.67 -15.27 13.67
N LYS C 40 -29.52 -14.48 14.32
CA LYS C 40 -29.15 -13.13 14.72
C LYS C 40 -27.96 -13.10 15.66
N GLU C 41 -27.96 -13.99 16.64
CA GLU C 41 -26.88 -14.03 17.63
C GLU C 41 -25.50 -14.26 16.99
N LYS C 42 -25.42 -15.16 16.02
CA LYS C 42 -24.15 -15.44 15.39
C LYS C 42 -23.63 -14.19 14.68
N ALA C 43 -24.52 -13.49 13.98
CA ALA C 43 -24.16 -12.28 13.26
C ALA C 43 -23.74 -11.15 14.20
N MET C 44 -24.46 -10.96 15.30
CA MET C 44 -24.06 -9.98 16.31
C MET C 44 -22.67 -10.29 16.85
N GLY C 45 -22.45 -11.54 17.21
CA GLY C 45 -21.19 -11.97 17.76
C GLY C 45 -20.03 -11.73 16.81
N ASP C 46 -20.24 -12.07 15.55
CA ASP C 46 -19.21 -11.91 14.53
C ASP C 46 -18.85 -10.46 14.28
N VAL C 47 -19.87 -9.61 14.17
CA VAL C 47 -19.66 -8.18 14.00
C VAL C 47 -18.82 -7.67 15.16
N MET C 48 -19.09 -8.20 16.35
CA MET C 48 -18.39 -7.76 17.55
C MET C 48 -16.93 -8.21 17.51
N ASP C 49 -16.72 -9.46 17.08
CA ASP C 49 -15.37 -9.99 16.99
C ASP C 49 -14.60 -9.26 15.91
N LEU C 50 -15.25 -9.02 14.78
CA LEU C 50 -14.61 -8.27 13.70
C LEU C 50 -14.28 -6.83 14.09
N ASN C 51 -15.07 -6.25 15.00
CA ASN C 51 -14.85 -4.87 15.43
C ASN C 51 -13.83 -4.74 16.55
N HIS C 52 -13.64 -5.85 17.26
CA HIS C 52 -12.70 -5.96 18.36
C HIS C 52 -11.31 -5.46 17.96
N GLY C 53 -10.84 -5.95 16.82
CA GLY C 53 -9.53 -5.57 16.31
C GLY C 53 -9.56 -4.45 15.26
N LYS C 54 -10.59 -3.61 15.33
CA LYS C 54 -10.77 -2.55 14.34
C LYS C 54 -9.58 -1.61 14.28
N ALA C 55 -9.01 -1.30 15.44
CA ALA C 55 -7.87 -0.38 15.54
C ALA C 55 -6.69 -0.84 14.71
N PHE C 56 -6.65 -2.12 14.36
CA PHE C 56 -5.54 -2.68 13.62
C PHE C 56 -5.75 -2.72 12.10
N ALA C 57 -6.99 -2.52 11.65
CA ALA C 57 -7.27 -2.51 10.23
C ALA C 57 -6.43 -1.43 9.54
N PRO C 58 -5.89 -1.74 8.36
CA PRO C 58 -5.17 -0.78 7.54
C PRO C 58 -6.03 0.43 7.13
N GLN C 59 -7.31 0.21 6.88
CA GLN C 59 -8.23 1.30 6.54
C GLN C 59 -9.45 1.27 7.44
N PRO C 60 -9.99 2.47 7.74
CA PRO C 60 -11.21 2.49 8.55
C PRO C 60 -12.33 1.77 7.83
N VAL C 61 -13.05 0.92 8.56
CA VAL C 61 -14.19 0.25 7.98
C VAL C 61 -15.25 0.12 9.04
N LYS C 62 -16.42 0.69 8.76
CA LYS C 62 -17.57 0.60 9.65
C LYS C 62 -18.23 -0.73 9.41
N THR C 63 -18.21 -1.61 10.41
CA THR C 63 -18.89 -2.89 10.33
C THR C 63 -20.05 -2.93 11.31
N SER C 64 -21.23 -3.35 10.83
CA SER C 64 -22.42 -3.35 11.68
C SER C 64 -23.30 -4.58 11.51
N TYR C 65 -24.01 -4.95 12.57
CA TYR C 65 -25.07 -5.94 12.44
C TYR C 65 -26.27 -5.26 11.76
N GLY C 66 -26.97 -6.01 10.92
CA GLY C 66 -28.09 -5.44 10.17
C GLY C 66 -29.21 -6.41 9.84
N THR C 67 -30.25 -5.88 9.24
CA THR C 67 -31.41 -6.64 8.78
C THR C 67 -31.58 -6.26 7.33
N TYR C 68 -32.50 -6.91 6.65
CA TYR C 68 -32.66 -6.72 5.21
C TYR C 68 -32.88 -5.28 4.73
N GLU C 69 -33.52 -4.48 5.57
CA GLU C 69 -33.80 -3.08 5.21
C GLU C 69 -32.54 -2.29 5.03
N ASP C 70 -31.47 -2.73 5.69
CA ASP C 70 -30.19 -2.02 5.67
C ASP C 70 -29.50 -2.17 4.32
N CYS C 71 -30.13 -2.94 3.43
CA CYS C 71 -29.62 -3.14 2.08
C CYS C 71 -29.89 -1.96 1.16
N LYS C 72 -30.78 -1.06 1.58
CA LYS C 72 -31.22 0.02 0.70
C LYS C 72 -30.06 0.73 0.01
N ASP C 73 -29.09 1.17 0.82
CA ASP C 73 -27.96 1.97 0.35
C ASP C 73 -26.79 1.14 -0.17
N ALA C 74 -26.89 -0.19 -0.07
CA ALA C 74 -25.76 -1.05 -0.34
C ALA C 74 -25.37 -1.00 -1.81
N ASP C 75 -24.08 -0.85 -2.07
CA ASP C 75 -23.59 -0.89 -3.45
C ASP C 75 -23.61 -2.31 -3.94
N ILE C 76 -23.25 -3.23 -3.06
CA ILE C 76 -23.15 -4.65 -3.39
C ILE C 76 -23.84 -5.44 -2.31
N VAL C 77 -24.54 -6.49 -2.71
CA VAL C 77 -25.10 -7.42 -1.75
C VAL C 77 -24.47 -8.76 -2.07
N CYS C 78 -23.79 -9.32 -1.08
CA CYS C 78 -23.11 -10.59 -1.29
C CYS C 78 -23.84 -11.69 -0.55
N ILE C 79 -24.19 -12.75 -1.28
CA ILE C 79 -24.93 -13.87 -0.70
C ILE C 79 -24.09 -15.14 -0.48
N CYS C 80 -23.89 -15.45 0.80
CA CYS C 80 -23.07 -16.58 1.21
C CYS C 80 -23.89 -17.47 2.11
N ALA C 81 -25.20 -17.35 1.98
CA ALA C 81 -26.15 -18.12 2.78
C ALA C 81 -26.55 -19.33 1.97
N GLY C 82 -27.00 -20.39 2.64
CA GLY C 82 -27.42 -21.57 1.92
C GLY C 82 -27.88 -22.73 2.77
N ALA C 83 -28.29 -23.81 2.11
CA ALA C 83 -28.81 -24.98 2.79
C ALA C 83 -27.71 -25.87 3.32
N ASN C 84 -27.98 -26.55 4.43
CA ASN C 84 -27.05 -27.54 4.97
C ASN C 84 -26.95 -28.80 4.13
N GLN C 85 -25.83 -29.50 4.24
CA GLN C 85 -25.75 -30.82 3.68
C GLN C 85 -27.02 -31.40 4.24
N LYS C 86 -27.14 -32.71 4.27
CA LYS C 86 -28.25 -33.37 4.95
C LYS C 86 -27.90 -34.83 5.09
N PRO C 87 -26.63 -35.13 4.90
CA PRO C 87 -26.18 -36.50 5.02
C PRO C 87 -27.25 -37.43 4.54
N GLY C 88 -28.48 -37.29 5.01
CA GLY C 88 -29.52 -38.19 4.53
C GLY C 88 -29.53 -38.20 3.02
N GLU C 89 -30.72 -38.22 2.43
CA GLU C 89 -30.81 -38.32 0.98
C GLU C 89 -29.82 -37.36 0.32
N THR C 90 -28.79 -37.95 -0.30
CA THR C 90 -27.76 -37.22 -1.00
C THR C 90 -28.41 -36.16 -1.89
N ARG C 91 -29.62 -36.50 -2.36
CA ARG C 91 -30.43 -35.58 -3.14
C ARG C 91 -29.59 -34.68 -4.03
N LEU C 92 -29.27 -35.17 -5.23
CA LEU C 92 -28.59 -34.36 -6.22
C LEU C 92 -29.36 -33.04 -6.36
N GLU C 93 -30.62 -33.06 -5.93
CA GLU C 93 -31.40 -31.86 -5.72
C GLU C 93 -30.77 -31.02 -4.62
N LEU C 94 -31.56 -30.70 -3.59
CA LEU C 94 -31.11 -29.75 -2.57
C LEU C 94 -30.84 -28.38 -3.21
N VAL C 95 -30.60 -28.39 -4.51
CA VAL C 95 -30.70 -27.19 -5.32
C VAL C 95 -32.07 -26.62 -5.03
N GLU C 96 -33.02 -27.51 -4.77
CA GLU C 96 -34.35 -27.09 -4.36
C GLU C 96 -34.33 -26.37 -3.01
N LYS C 97 -33.61 -26.95 -2.07
CA LYS C 97 -33.46 -26.37 -0.75
C LYS C 97 -32.93 -24.96 -0.84
N ASN C 98 -32.03 -24.72 -1.79
CA ASN C 98 -31.35 -23.44 -1.86
C ASN C 98 -32.11 -22.43 -2.68
N LEU C 99 -32.80 -22.87 -3.71
CA LEU C 99 -33.62 -21.97 -4.50
C LEU C 99 -34.67 -21.31 -3.61
N LYS C 100 -35.24 -22.10 -2.71
CA LYS C 100 -36.26 -21.59 -1.79
C LYS C 100 -35.64 -20.51 -0.88
N ILE C 101 -34.38 -20.72 -0.51
CA ILE C 101 -33.68 -19.76 0.32
C ILE C 101 -33.44 -18.44 -0.42
N PHE C 102 -32.97 -18.54 -1.64
CA PHE C 102 -32.65 -17.34 -2.41
C PHE C 102 -33.92 -16.58 -2.74
N LYS C 103 -34.99 -17.30 -3.02
CA LYS C 103 -36.28 -16.69 -3.31
C LYS C 103 -36.66 -15.74 -2.18
N GLY C 104 -36.60 -16.23 -0.95
CA GLY C 104 -36.95 -15.41 0.20
C GLY C 104 -35.95 -14.30 0.47
N ILE C 105 -34.67 -14.59 0.26
CA ILE C 105 -33.61 -13.61 0.48
C ILE C 105 -33.70 -12.48 -0.55
N VAL C 106 -33.77 -12.83 -1.83
CA VAL C 106 -33.81 -11.81 -2.89
C VAL C 106 -35.03 -10.90 -2.78
N SER C 107 -36.19 -11.46 -2.45
CA SER C 107 -37.39 -10.65 -2.34
C SER C 107 -37.26 -9.67 -1.18
N GLU C 108 -36.69 -10.12 -0.07
CA GLU C 108 -36.44 -9.24 1.07
C GLU C 108 -35.49 -8.06 0.74
N VAL C 109 -34.46 -8.30 -0.05
CA VAL C 109 -33.55 -7.20 -0.33
C VAL C 109 -34.18 -6.24 -1.33
N MET C 110 -34.81 -6.78 -2.37
CA MET C 110 -35.47 -5.93 -3.36
C MET C 110 -36.53 -5.04 -2.70
N ALA C 111 -37.22 -5.60 -1.72
CA ALA C 111 -38.25 -4.88 -0.96
C ALA C 111 -37.73 -3.78 -0.03
N SER C 112 -36.41 -3.64 0.03
CA SER C 112 -35.81 -2.62 0.90
C SER C 112 -35.54 -1.37 0.09
N GLY C 113 -35.49 -1.51 -1.23
CA GLY C 113 -35.11 -0.43 -2.11
C GLY C 113 -33.76 -0.64 -2.78
N PHE C 114 -33.15 -1.77 -2.49
CA PHE C 114 -31.83 -2.09 -3.01
C PHE C 114 -31.81 -1.93 -4.53
N ASP C 115 -30.74 -1.34 -5.04
CA ASP C 115 -30.62 -1.05 -6.47
C ASP C 115 -29.14 -1.04 -6.87
N GLY C 116 -28.39 -1.97 -6.28
CA GLY C 116 -26.97 -2.14 -6.57
C GLY C 116 -26.67 -3.40 -7.36
N ILE C 117 -25.59 -4.10 -6.97
CA ILE C 117 -25.15 -5.31 -7.63
C ILE C 117 -25.23 -6.52 -6.69
N PHE C 118 -25.67 -7.66 -7.20
CA PHE C 118 -25.62 -8.91 -6.43
C PHE C 118 -24.34 -9.67 -6.69
N LEU C 119 -23.79 -10.26 -5.63
CA LEU C 119 -22.61 -11.11 -5.76
C LEU C 119 -22.92 -12.43 -5.09
N VAL C 120 -22.97 -13.49 -5.87
CA VAL C 120 -23.44 -14.78 -5.37
C VAL C 120 -22.27 -15.74 -5.19
N ALA C 121 -22.22 -16.39 -4.04
CA ALA C 121 -21.15 -17.33 -3.74
C ALA C 121 -21.61 -18.76 -3.47
N THR C 122 -22.79 -18.94 -2.88
CA THR C 122 -23.31 -20.28 -2.58
C THR C 122 -23.27 -21.22 -3.79
N ASN C 123 -23.18 -22.52 -3.52
CA ASN C 123 -23.16 -23.50 -4.60
C ASN C 123 -24.50 -24.19 -4.83
N PRO C 124 -24.79 -24.61 -6.08
CA PRO C 124 -23.97 -24.47 -7.29
C PRO C 124 -24.06 -23.05 -7.84
N VAL C 125 -22.90 -22.38 -7.91
CA VAL C 125 -22.90 -20.94 -8.07
C VAL C 125 -23.59 -20.48 -9.37
N ASP C 126 -23.34 -21.17 -10.47
CA ASP C 126 -23.91 -20.77 -11.75
C ASP C 126 -25.45 -20.82 -11.73
N ILE C 127 -26.00 -21.90 -11.20
CA ILE C 127 -27.44 -22.04 -11.09
C ILE C 127 -28.02 -20.91 -10.26
N LEU C 128 -27.48 -20.72 -9.07
CA LEU C 128 -28.00 -19.72 -8.14
C LEU C 128 -27.79 -18.29 -8.63
N THR C 129 -26.83 -18.09 -9.52
CA THR C 129 -26.65 -16.77 -10.12
C THR C 129 -27.80 -16.49 -11.10
N TYR C 130 -28.14 -17.51 -11.90
CA TYR C 130 -29.27 -17.44 -12.83
C TYR C 130 -30.54 -17.14 -12.06
N ALA C 131 -30.76 -17.90 -11.00
CA ALA C 131 -31.92 -17.73 -10.15
C ALA C 131 -32.03 -16.31 -9.60
N THR C 132 -30.92 -15.80 -9.07
CA THR C 132 -30.91 -14.48 -8.45
C THR C 132 -31.31 -13.41 -9.45
N TRP C 133 -30.87 -13.58 -10.70
CA TRP C 133 -31.26 -12.66 -11.75
C TRP C 133 -32.76 -12.71 -12.06
N LYS C 134 -33.35 -13.89 -11.90
CA LYS C 134 -34.78 -14.04 -12.09
C LYS C 134 -35.55 -13.40 -10.94
N PHE C 135 -35.25 -13.83 -9.71
CA PHE C 135 -35.99 -13.35 -8.55
C PHE C 135 -35.86 -11.85 -8.33
N SER C 136 -34.82 -11.24 -8.88
CA SER C 136 -34.55 -9.83 -8.61
C SER C 136 -35.16 -8.94 -9.69
N GLY C 137 -35.06 -9.40 -10.94
CA GLY C 137 -35.50 -8.60 -12.06
C GLY C 137 -34.55 -7.48 -12.40
N LEU C 138 -33.31 -7.59 -11.93
CA LEU C 138 -32.28 -6.60 -12.26
C LEU C 138 -31.67 -6.89 -13.63
N PRO C 139 -31.01 -5.90 -14.21
CA PRO C 139 -30.26 -6.15 -15.45
C PRO C 139 -29.24 -7.24 -15.23
N LYS C 140 -29.00 -8.07 -16.23
CA LYS C 140 -28.14 -9.23 -16.06
C LYS C 140 -26.70 -8.87 -15.72
N GLU C 141 -26.28 -7.65 -16.08
CA GLU C 141 -24.93 -7.17 -15.81
C GLU C 141 -24.71 -6.81 -14.35
N ARG C 142 -25.78 -6.84 -13.57
CA ARG C 142 -25.72 -6.49 -12.15
C ARG C 142 -25.99 -7.69 -11.23
N VAL C 143 -25.96 -8.88 -11.80
CA VAL C 143 -25.96 -10.08 -10.99
C VAL C 143 -24.71 -10.84 -11.41
N ILE C 144 -23.84 -11.13 -10.44
CA ILE C 144 -22.54 -11.72 -10.73
C ILE C 144 -22.27 -12.90 -9.80
N GLY C 145 -21.80 -14.00 -10.36
CA GLY C 145 -21.40 -15.16 -9.58
C GLY C 145 -19.89 -15.28 -9.51
N SER C 146 -19.41 -15.89 -8.44
CA SER C 146 -17.97 -16.07 -8.28
C SER C 146 -17.40 -16.91 -9.43
N GLY C 147 -18.24 -17.78 -9.99
CA GLY C 147 -17.85 -18.56 -11.15
C GLY C 147 -16.58 -19.38 -10.96
N THR C 148 -15.67 -19.23 -11.91
CA THR C 148 -14.43 -19.98 -11.89
C THR C 148 -13.22 -19.07 -11.63
N THR C 149 -13.47 -17.89 -11.07
CA THR C 149 -12.43 -16.91 -10.81
C THR C 149 -11.29 -17.51 -10.00
N LEU C 150 -11.65 -18.21 -8.93
CA LEU C 150 -10.68 -18.88 -8.08
C LEU C 150 -9.84 -19.88 -8.86
N ASP C 151 -10.50 -20.83 -9.52
CA ASP C 151 -9.79 -21.84 -10.28
C ASP C 151 -8.90 -21.27 -11.40
N SER C 152 -9.35 -20.21 -12.08
CA SER C 152 -8.50 -19.59 -13.10
C SER C 152 -7.26 -18.96 -12.48
N ALA C 153 -7.45 -18.26 -11.35
CA ALA C 153 -6.37 -17.57 -10.67
C ALA C 153 -5.29 -18.50 -10.13
N ARG C 154 -5.68 -19.65 -9.58
CA ARG C 154 -4.72 -20.69 -9.22
C ARG C 154 -3.92 -21.07 -10.43
N PHE C 155 -4.65 -21.42 -11.48
CA PHE C 155 -4.08 -21.85 -12.75
C PHE C 155 -3.04 -20.85 -13.18
N ARG C 156 -3.46 -19.59 -13.32
CA ARG C 156 -2.57 -18.53 -13.77
C ARG C 156 -1.31 -18.48 -12.90
N PHE C 157 -1.46 -18.78 -11.61
CA PHE C 157 -0.36 -18.74 -10.66
C PHE C 157 0.60 -19.93 -10.77
N MET C 158 0.05 -21.15 -10.79
CA MET C 158 0.90 -22.33 -10.92
C MET C 158 1.71 -22.22 -12.22
N LEU C 159 1.14 -21.55 -13.20
CA LEU C 159 1.83 -21.36 -14.46
C LEU C 159 2.92 -20.29 -14.41
N SER C 160 2.81 -19.31 -13.52
CA SER C 160 3.87 -18.30 -13.38
C SER C 160 5.08 -18.90 -12.66
N GLU C 161 4.82 -19.88 -11.80
CA GLU C 161 5.91 -20.64 -11.18
C GLU C 161 6.59 -21.54 -12.22
N TYR C 162 5.77 -22.36 -12.89
CA TYR C 162 6.26 -23.37 -13.83
C TYR C 162 7.14 -22.80 -14.95
N PHE C 163 6.72 -21.66 -15.51
CA PHE C 163 7.47 -21.00 -16.59
C PHE C 163 8.34 -19.86 -16.07
N GLY C 164 8.22 -19.57 -14.77
CA GLY C 164 9.09 -18.61 -14.11
C GLY C 164 8.91 -17.12 -14.46
N ALA C 165 7.66 -16.67 -14.51
CA ALA C 165 7.39 -15.24 -14.66
C ALA C 165 6.44 -14.74 -13.56
N ALA C 166 6.28 -13.41 -13.48
CA ALA C 166 5.29 -12.84 -12.57
C ALA C 166 3.89 -13.18 -13.11
N PRO C 167 2.98 -13.55 -12.21
CA PRO C 167 1.63 -13.88 -12.64
C PRO C 167 1.03 -12.75 -13.47
N GLN C 168 1.60 -11.55 -13.34
CA GLN C 168 1.07 -10.36 -14.01
C GLN C 168 1.11 -10.46 -15.53
N ASN C 169 2.00 -11.30 -16.03
CA ASN C 169 2.19 -11.46 -17.48
C ASN C 169 2.10 -12.92 -17.93
N VAL C 170 1.08 -13.62 -17.43
CA VAL C 170 0.94 -15.07 -17.64
C VAL C 170 -0.51 -15.49 -17.82
N CYS C 171 -1.07 -15.13 -18.96
CA CYS C 171 -2.48 -15.34 -19.28
C CYS C 171 -2.91 -16.82 -19.28
N ALA C 172 -4.05 -17.10 -18.64
CA ALA C 172 -4.61 -18.45 -18.66
C ALA C 172 -5.95 -18.48 -17.94
N HIS C 173 -7.01 -18.87 -18.66
CA HIS C 173 -8.34 -18.88 -18.05
C HIS C 173 -8.84 -20.30 -17.86
N ILE C 174 -9.86 -20.41 -17.01
CA ILE C 174 -10.63 -21.62 -16.85
C ILE C 174 -12.10 -21.23 -16.93
N ILE C 175 -12.80 -21.75 -17.93
CA ILE C 175 -14.19 -21.39 -18.17
C ILE C 175 -15.13 -22.60 -18.05
N GLY C 176 -16.43 -22.34 -18.13
CA GLY C 176 -17.41 -23.40 -18.05
C GLY C 176 -18.17 -23.32 -16.74
N GLU C 177 -18.97 -24.34 -16.48
CA GLU C 177 -19.65 -24.46 -15.21
C GLU C 177 -18.63 -24.59 -14.09
N HIS C 178 -18.89 -23.98 -12.94
CA HIS C 178 -18.03 -24.16 -11.78
C HIS C 178 -18.23 -25.58 -11.24
N GLY C 179 -17.28 -26.45 -11.55
CA GLY C 179 -17.40 -27.84 -11.19
C GLY C 179 -16.58 -28.73 -12.10
N ASP C 180 -17.05 -29.97 -12.26
CA ASP C 180 -16.35 -31.01 -13.01
C ASP C 180 -16.24 -30.71 -14.50
N THR C 181 -17.29 -30.14 -15.08
CA THR C 181 -17.32 -29.90 -16.52
C THR C 181 -16.59 -28.63 -16.92
N GLU C 182 -15.91 -27.98 -15.97
CA GLU C 182 -15.13 -26.81 -16.33
C GLU C 182 -13.90 -27.24 -17.11
N LEU C 183 -13.29 -26.29 -17.81
CA LEU C 183 -12.27 -26.62 -18.81
C LEU C 183 -11.25 -25.52 -18.91
N PRO C 184 -9.98 -25.89 -19.14
CA PRO C 184 -8.89 -24.94 -19.39
C PRO C 184 -8.88 -24.49 -20.83
N VAL C 185 -8.63 -23.21 -21.05
CA VAL C 185 -8.54 -22.68 -22.40
C VAL C 185 -7.09 -22.66 -22.86
N TRP C 186 -6.55 -23.84 -23.11
CA TRP C 186 -5.16 -23.97 -23.56
C TRP C 186 -4.83 -23.13 -24.79
N SER C 187 -5.79 -22.95 -25.68
CA SER C 187 -5.54 -22.25 -26.94
C SER C 187 -5.03 -20.80 -26.77
N HIS C 188 -5.38 -20.15 -25.66
CA HIS C 188 -4.95 -18.77 -25.44
C HIS C 188 -4.05 -18.61 -24.20
N ALA C 189 -3.72 -19.73 -23.56
CA ALA C 189 -2.72 -19.74 -22.51
C ALA C 189 -1.36 -19.28 -23.06
N ASN C 190 -0.81 -18.21 -22.50
CA ASN C 190 0.45 -17.66 -22.97
C ASN C 190 1.31 -17.05 -21.87
N VAL C 191 2.62 -17.13 -22.02
CA VAL C 191 3.57 -16.60 -21.05
C VAL C 191 4.45 -15.46 -21.60
N GLY C 192 4.16 -14.24 -21.19
CA GLY C 192 4.94 -13.09 -21.62
C GLY C 192 4.69 -12.69 -23.06
N GLY C 193 3.64 -13.28 -23.64
CA GLY C 193 3.30 -13.04 -25.03
C GLY C 193 3.39 -14.31 -25.84
N VAL C 194 4.16 -15.28 -25.34
CA VAL C 194 4.44 -16.53 -26.03
C VAL C 194 3.48 -17.67 -25.65
N PRO C 195 2.70 -18.17 -26.62
CA PRO C 195 1.72 -19.23 -26.37
C PRO C 195 2.37 -20.45 -25.73
N VAL C 196 1.57 -21.17 -24.93
CA VAL C 196 2.03 -22.30 -24.16
C VAL C 196 2.51 -23.45 -25.03
N SER C 197 1.76 -23.74 -26.09
CA SER C 197 2.12 -24.80 -27.01
C SER C 197 3.51 -24.54 -27.61
N GLU C 198 3.82 -23.28 -27.88
CA GLU C 198 5.14 -22.90 -28.39
C GLU C 198 6.22 -23.30 -27.39
N LEU C 199 5.93 -23.13 -26.11
CA LEU C 199 6.90 -23.42 -25.05
C LEU C 199 7.00 -24.92 -24.75
N VAL C 200 5.92 -25.65 -25.00
CA VAL C 200 5.85 -27.09 -24.71
C VAL C 200 6.66 -27.93 -25.68
N GLU C 201 6.49 -27.66 -26.96
CA GLU C 201 7.21 -28.38 -28.00
C GLU C 201 8.67 -27.92 -28.12
N LYS C 202 8.87 -26.60 -28.13
CA LYS C 202 10.20 -26.00 -28.24
C LYS C 202 11.06 -26.23 -27.00
N ASN C 203 10.67 -27.19 -26.17
CA ASN C 203 11.41 -27.51 -24.95
C ASN C 203 10.95 -28.80 -24.25
N ASP C 204 11.82 -29.32 -23.40
CA ASP C 204 11.47 -30.49 -22.62
C ASP C 204 11.70 -30.26 -21.13
N ALA C 205 12.05 -29.02 -20.79
CA ALA C 205 11.93 -28.56 -19.42
C ALA C 205 10.42 -28.36 -19.17
N TYR C 206 9.67 -28.35 -20.27
CA TYR C 206 8.22 -28.17 -20.24
C TYR C 206 7.54 -29.24 -21.12
N LYS C 207 6.63 -30.02 -20.53
CA LYS C 207 5.94 -31.06 -21.29
C LYS C 207 4.46 -31.18 -20.94
N GLN C 208 3.64 -31.49 -21.93
CA GLN C 208 2.17 -31.44 -21.81
C GLN C 208 1.51 -32.58 -21.02
N GLU C 209 2.18 -33.07 -19.99
CA GLU C 209 1.54 -33.95 -19.02
C GLU C 209 1.79 -33.36 -17.65
N GLU C 210 2.88 -32.60 -17.57
CA GLU C 210 3.15 -31.74 -16.43
C GLU C 210 1.96 -30.79 -16.26
N LEU C 211 1.73 -29.97 -17.28
CA LEU C 211 0.62 -29.02 -17.24
C LEU C 211 -0.76 -29.64 -17.50
N ASP C 212 -0.79 -30.94 -17.77
CA ASP C 212 -2.06 -31.67 -17.79
C ASP C 212 -2.54 -31.95 -16.37
N GLN C 213 -1.60 -32.21 -15.47
CA GLN C 213 -1.94 -32.51 -14.08
C GLN C 213 -2.21 -31.24 -13.26
N ILE C 214 -1.54 -30.16 -13.63
CA ILE C 214 -1.81 -28.87 -13.02
C ILE C 214 -3.29 -28.53 -13.09
N VAL C 215 -3.95 -29.00 -14.15
CA VAL C 215 -5.38 -28.77 -14.32
C VAL C 215 -6.21 -29.64 -13.40
N ASP C 216 -5.75 -30.85 -13.13
CA ASP C 216 -6.49 -31.75 -12.27
C ASP C 216 -6.37 -31.33 -10.81
N ASP C 217 -5.21 -30.80 -10.45
CA ASP C 217 -5.02 -30.26 -9.12
C ASP C 217 -6.02 -29.13 -8.91
N VAL C 218 -6.13 -28.28 -9.92
CA VAL C 218 -7.02 -27.14 -9.85
C VAL C 218 -8.48 -27.58 -9.69
N LYS C 219 -8.91 -28.54 -10.50
CA LYS C 219 -10.31 -28.98 -10.45
C LYS C 219 -10.66 -29.73 -9.17
N ASN C 220 -9.67 -30.34 -8.53
CA ASN C 220 -9.95 -31.19 -7.37
C ASN C 220 -9.53 -30.56 -6.05
N ALA C 221 -8.91 -29.38 -6.12
CA ALA C 221 -8.42 -28.71 -4.93
C ALA C 221 -9.49 -28.64 -3.84
N ALA C 222 -10.67 -28.16 -4.21
CA ALA C 222 -11.76 -27.98 -3.24
C ALA C 222 -12.21 -29.28 -2.58
N TYR C 223 -12.25 -30.35 -3.36
CA TYR C 223 -12.66 -31.64 -2.82
C TYR C 223 -11.65 -32.13 -1.79
N HIS C 224 -10.37 -31.88 -2.06
CA HIS C 224 -9.32 -32.30 -1.14
C HIS C 224 -9.32 -31.51 0.15
N ILE C 225 -9.61 -30.22 0.07
CA ILE C 225 -9.73 -29.41 1.27
C ILE C 225 -10.90 -29.92 2.09
N ILE C 226 -11.96 -30.29 1.40
CA ILE C 226 -13.19 -30.74 2.07
C ILE C 226 -13.02 -32.10 2.77
N GLU C 227 -12.32 -33.02 2.11
CA GLU C 227 -11.90 -34.28 2.76
C GLU C 227 -11.23 -34.07 4.11
N LYS C 228 -10.32 -33.10 4.16
CA LYS C 228 -9.51 -32.88 5.37
C LYS C 228 -10.22 -32.05 6.44
N LYS C 229 -10.79 -30.93 6.04
CA LYS C 229 -11.23 -29.93 6.99
C LYS C 229 -12.77 -29.84 7.12
N GLY C 230 -13.50 -30.39 6.16
CA GLY C 230 -14.95 -30.34 6.15
C GLY C 230 -15.61 -29.29 5.26
N ALA C 231 -14.88 -28.23 4.92
CA ALA C 231 -15.42 -27.10 4.16
C ALA C 231 -14.26 -26.30 3.60
N THR C 232 -14.49 -25.54 2.52
CA THR C 232 -13.51 -24.55 2.12
C THR C 232 -14.06 -23.17 2.39
N TYR C 233 -13.23 -22.25 2.86
CA TYR C 233 -13.68 -20.87 3.01
C TYR C 233 -12.61 -19.84 2.73
N TYR C 234 -11.38 -20.08 3.14
CA TYR C 234 -10.36 -19.04 3.01
C TYR C 234 -10.16 -18.65 1.56
N GLY C 235 -10.05 -19.63 0.68
CA GLY C 235 -9.81 -19.37 -0.73
C GLY C 235 -10.98 -18.64 -1.34
N VAL C 236 -12.20 -19.14 -1.10
CA VAL C 236 -13.42 -18.54 -1.62
C VAL C 236 -13.54 -17.08 -1.20
N ALA C 237 -13.37 -16.83 0.10
CA ALA C 237 -13.43 -15.49 0.66
C ALA C 237 -12.46 -14.56 -0.03
N MET C 238 -11.28 -15.05 -0.38
CA MET C 238 -10.30 -14.26 -1.11
C MET C 238 -10.81 -13.88 -2.50
N SER C 239 -11.48 -14.82 -3.16
CA SER C 239 -11.95 -14.57 -4.53
C SER C 239 -13.09 -13.56 -4.50
N LEU C 240 -14.01 -13.73 -3.55
CA LEU C 240 -15.09 -12.78 -3.37
C LEU C 240 -14.58 -11.37 -3.09
N ALA C 241 -13.56 -11.25 -2.25
CA ALA C 241 -13.06 -9.93 -1.88
C ALA C 241 -12.42 -9.28 -3.11
N ARG C 242 -11.87 -10.12 -3.97
CA ARG C 242 -11.23 -9.66 -5.17
C ARG C 242 -12.28 -9.15 -6.16
N ILE C 243 -13.33 -9.94 -6.36
CA ILE C 243 -14.43 -9.50 -7.21
C ILE C 243 -15.04 -8.20 -6.67
N THR C 244 -15.25 -8.13 -5.35
CA THR C 244 -15.76 -6.93 -4.71
C THR C 244 -14.87 -5.73 -4.97
N LYS C 245 -13.57 -5.96 -5.01
CA LYS C 245 -12.61 -4.89 -5.23
C LYS C 245 -12.68 -4.33 -6.67
N ALA C 246 -12.81 -5.21 -7.65
CA ALA C 246 -12.93 -4.79 -9.04
C ALA C 246 -14.20 -3.95 -9.25
N ILE C 247 -15.28 -4.33 -8.56
CA ILE C 247 -16.49 -3.54 -8.58
C ILE C 247 -16.32 -2.18 -7.87
N LEU C 248 -16.04 -2.21 -6.58
CA LEU C 248 -15.99 -0.98 -5.81
C LEU C 248 -14.96 0.03 -6.29
N HIS C 249 -13.87 -0.44 -6.89
CA HIS C 249 -12.78 0.44 -7.31
C HIS C 249 -12.70 0.62 -8.83
N ASN C 250 -13.78 0.21 -9.51
CA ASN C 250 -13.94 0.44 -10.94
C ASN C 250 -12.72 0.01 -11.75
N GLU C 251 -12.27 -1.23 -11.57
CA GLU C 251 -11.00 -1.67 -12.12
C GLU C 251 -11.00 -2.02 -13.61
N ASN C 252 -12.16 -2.41 -14.14
CA ASN C 252 -12.23 -2.99 -15.47
C ASN C 252 -11.32 -4.21 -15.54
N SER C 253 -11.32 -4.99 -14.45
CA SER C 253 -10.52 -6.21 -14.37
C SER C 253 -11.22 -7.31 -15.12
N ILE C 254 -10.46 -8.11 -15.88
CA ILE C 254 -11.02 -9.29 -16.54
C ILE C 254 -11.03 -10.47 -15.59
N LEU C 255 -12.20 -11.01 -15.33
CA LEU C 255 -12.37 -12.09 -14.36
C LEU C 255 -13.40 -13.12 -14.87
N THR C 256 -13.11 -14.40 -14.70
CA THR C 256 -14.01 -15.45 -15.15
C THR C 256 -15.15 -15.66 -14.19
N VAL C 257 -15.88 -14.58 -13.92
CA VAL C 257 -17.10 -14.67 -13.11
C VAL C 257 -18.25 -15.32 -13.88
N SER C 258 -19.28 -15.75 -13.14
CA SER C 258 -20.53 -16.21 -13.75
C SER C 258 -21.26 -15.07 -14.44
N THR C 259 -21.41 -15.18 -15.75
CA THR C 259 -21.98 -14.13 -16.59
C THR C 259 -23.14 -14.65 -17.42
N TYR C 260 -24.10 -13.79 -17.75
CA TYR C 260 -25.20 -14.21 -18.62
C TYR C 260 -24.75 -14.19 -20.07
N LEU C 261 -25.00 -15.28 -20.79
CA LEU C 261 -24.59 -15.35 -22.20
C LEU C 261 -25.73 -15.18 -23.22
N ASP C 262 -25.45 -14.40 -24.27
CA ASP C 262 -26.36 -14.14 -25.39
C ASP C 262 -25.89 -14.84 -26.68
N GLY C 263 -25.79 -16.17 -26.65
CA GLY C 263 -25.26 -16.92 -27.78
C GLY C 263 -23.77 -16.70 -27.98
N GLN C 264 -23.16 -15.98 -27.04
CA GLN C 264 -21.81 -15.46 -27.22
C GLN C 264 -20.71 -16.53 -27.33
N TYR C 265 -20.96 -17.72 -26.80
CA TYR C 265 -20.05 -18.84 -27.01
C TYR C 265 -20.83 -20.05 -27.55
N GLY C 266 -21.92 -19.78 -28.26
CA GLY C 266 -22.78 -20.84 -28.73
C GLY C 266 -23.77 -21.24 -27.66
N ALA C 267 -23.67 -20.58 -26.50
CA ALA C 267 -24.60 -20.83 -25.41
C ALA C 267 -25.54 -19.65 -25.35
N ASP C 268 -26.72 -19.85 -24.76
CA ASP C 268 -27.67 -18.76 -24.62
C ASP C 268 -28.62 -19.01 -23.44
N ASP C 269 -29.07 -17.94 -22.81
CA ASP C 269 -29.94 -18.03 -21.63
C ASP C 269 -29.34 -18.90 -20.53
N VAL C 270 -28.09 -18.60 -20.17
CA VAL C 270 -27.40 -19.35 -19.14
C VAL C 270 -26.36 -18.46 -18.46
N TYR C 271 -26.16 -18.66 -17.15
CA TYR C 271 -25.05 -18.03 -16.47
C TYR C 271 -23.91 -19.00 -16.42
N ILE C 272 -22.71 -18.54 -16.75
CA ILE C 272 -21.58 -19.45 -16.86
C ILE C 272 -20.25 -18.70 -16.86
N GLY C 273 -19.18 -19.41 -16.50
CA GLY C 273 -17.88 -18.80 -16.33
C GLY C 273 -17.17 -18.45 -17.62
N VAL C 274 -17.01 -17.15 -17.86
CA VAL C 274 -16.19 -16.66 -18.97
C VAL C 274 -15.48 -15.40 -18.53
N PRO C 275 -14.36 -15.07 -19.20
CA PRO C 275 -13.66 -13.82 -18.88
C PRO C 275 -14.51 -12.59 -19.19
N ALA C 276 -14.98 -11.90 -18.17
CA ALA C 276 -15.77 -10.69 -18.36
C ALA C 276 -15.09 -9.50 -17.71
N VAL C 277 -15.21 -8.32 -18.32
CA VAL C 277 -14.65 -7.12 -17.72
C VAL C 277 -15.54 -6.62 -16.58
N VAL C 278 -14.95 -6.45 -15.39
CA VAL C 278 -15.71 -6.09 -14.18
C VAL C 278 -15.36 -4.68 -13.73
N ASN C 279 -16.39 -3.87 -13.51
CA ASN C 279 -16.17 -2.51 -13.03
C ASN C 279 -17.33 -2.06 -12.15
N ARG C 280 -17.37 -0.78 -11.82
CA ARG C 280 -18.38 -0.26 -10.90
C ARG C 280 -19.83 -0.46 -11.33
N GLY C 281 -20.06 -0.65 -12.64
CA GLY C 281 -21.39 -0.91 -13.14
C GLY C 281 -21.71 -2.39 -13.18
N GLY C 282 -20.74 -3.21 -12.79
CA GLY C 282 -20.89 -4.66 -12.85
C GLY C 282 -20.20 -5.16 -14.09
N ILE C 283 -20.85 -6.03 -14.82
CA ILE C 283 -20.25 -6.57 -16.04
C ILE C 283 -20.30 -5.56 -17.19
N ALA C 284 -19.15 -5.27 -17.76
CA ALA C 284 -19.01 -4.16 -18.70
C ALA C 284 -18.63 -4.67 -20.09
N GLY C 285 -18.37 -5.96 -20.19
CA GLY C 285 -17.96 -6.55 -21.44
C GLY C 285 -17.77 -8.04 -21.25
N ILE C 286 -17.66 -8.76 -22.35
CA ILE C 286 -17.43 -10.19 -22.29
C ILE C 286 -16.39 -10.54 -23.32
N THR C 287 -15.23 -10.98 -22.85
CA THR C 287 -14.12 -11.37 -23.71
C THR C 287 -14.52 -12.57 -24.56
N GLU C 288 -14.34 -12.45 -25.87
CA GLU C 288 -14.72 -13.50 -26.84
C GLU C 288 -13.51 -14.26 -27.34
N LEU C 289 -13.09 -15.28 -26.58
CA LEU C 289 -11.96 -16.10 -26.98
C LEU C 289 -12.31 -16.96 -28.19
N ASN C 290 -11.36 -17.09 -29.11
CA ASN C 290 -11.54 -17.93 -30.28
C ASN C 290 -11.30 -19.38 -29.94
N LEU C 291 -12.28 -20.01 -29.29
CA LEU C 291 -12.12 -21.40 -28.86
C LEU C 291 -11.82 -22.33 -30.03
N ASN C 292 -10.81 -23.18 -29.86
CA ASN C 292 -10.58 -24.26 -30.81
C ASN C 292 -11.73 -25.27 -30.71
N GLU C 293 -11.73 -26.31 -31.54
CA GLU C 293 -12.90 -27.17 -31.63
C GLU C 293 -13.10 -28.03 -30.39
N LYS C 294 -12.01 -28.46 -29.78
CA LYS C 294 -12.07 -29.23 -28.54
C LYS C 294 -12.75 -28.43 -27.44
N GLU C 295 -12.38 -27.15 -27.33
CA GLU C 295 -12.91 -26.26 -26.31
C GLU C 295 -14.37 -25.87 -26.56
N LYS C 296 -14.75 -25.71 -27.82
CA LYS C 296 -16.14 -25.52 -28.19
C LYS C 296 -16.98 -26.69 -27.71
N GLU C 297 -16.47 -27.90 -27.95
CA GLU C 297 -17.18 -29.11 -27.52
C GLU C 297 -17.39 -29.12 -26.01
N GLN C 298 -16.30 -28.97 -25.27
CA GLN C 298 -16.35 -28.98 -23.81
C GLN C 298 -17.28 -27.88 -23.33
N PHE C 299 -17.12 -26.69 -23.86
CA PHE C 299 -17.89 -25.56 -23.37
C PHE C 299 -19.40 -25.74 -23.52
N LEU C 300 -19.82 -26.08 -24.74
CA LEU C 300 -21.25 -26.23 -25.02
C LEU C 300 -21.83 -27.43 -24.28
N HIS C 301 -21.01 -28.45 -24.04
CA HIS C 301 -21.39 -29.57 -23.19
C HIS C 301 -21.59 -29.09 -21.76
N SER C 302 -20.69 -28.22 -21.33
CA SER C 302 -20.76 -27.61 -20.00
C SER C 302 -22.03 -26.75 -19.87
N ALA C 303 -22.33 -25.99 -20.91
CA ALA C 303 -23.50 -25.12 -20.88
C ALA C 303 -24.79 -25.93 -20.97
N GLY C 304 -24.71 -27.06 -21.67
CA GLY C 304 -25.83 -27.98 -21.76
C GLY C 304 -26.16 -28.53 -20.40
N VAL C 305 -25.16 -29.09 -19.72
CA VAL C 305 -25.37 -29.64 -18.37
C VAL C 305 -26.12 -28.65 -17.48
N LEU C 306 -25.76 -27.37 -17.58
CA LEU C 306 -26.38 -26.32 -16.76
C LEU C 306 -27.82 -26.02 -17.13
N LYS C 307 -28.05 -25.68 -18.40
CA LYS C 307 -29.40 -25.36 -18.88
C LYS C 307 -30.38 -26.45 -18.47
N ASN C 308 -29.90 -27.69 -18.48
CA ASN C 308 -30.69 -28.85 -18.17
C ASN C 308 -31.19 -28.87 -16.74
N ILE C 309 -30.34 -28.45 -15.81
CA ILE C 309 -30.71 -28.34 -14.40
C ILE C 309 -31.67 -27.18 -14.19
N LEU C 310 -31.65 -26.24 -15.14
CA LEU C 310 -32.43 -25.02 -15.05
C LEU C 310 -33.91 -25.21 -15.45
N LYS C 311 -34.14 -25.89 -16.57
CA LYS C 311 -35.50 -26.01 -17.13
C LYS C 311 -36.58 -26.46 -16.14
N PRO C 312 -36.29 -27.49 -15.31
CA PRO C 312 -37.29 -27.92 -14.33
C PRO C 312 -37.70 -26.83 -13.33
N HIS C 313 -37.01 -25.68 -13.36
CA HIS C 313 -37.35 -24.57 -12.47
C HIS C 313 -37.64 -23.30 -13.27
N PHE C 314 -37.49 -23.37 -14.59
CA PHE C 314 -37.79 -22.26 -15.51
C PHE C 314 -39.29 -22.01 -15.64
N LYS D 3 19.99 -9.53 8.10
CA LYS D 3 18.92 -9.14 7.18
C LYS D 3 19.42 -8.18 6.10
N HIS D 4 19.05 -8.44 4.85
CA HIS D 4 19.58 -7.66 3.75
C HIS D 4 19.01 -6.22 3.72
N VAL D 5 19.88 -5.25 3.51
CA VAL D 5 19.41 -3.88 3.30
C VAL D 5 19.69 -3.43 1.87
N ASN D 6 18.62 -3.11 1.15
CA ASN D 6 18.72 -2.73 -0.26
C ASN D 6 19.37 -1.38 -0.42
N LYS D 7 20.36 -1.31 -1.30
CA LYS D 7 21.10 -0.06 -1.47
C LYS D 7 21.24 0.28 -2.94
N VAL D 8 21.02 1.55 -3.26
CA VAL D 8 21.17 2.02 -4.63
C VAL D 8 22.19 3.13 -4.61
N ALA D 9 23.09 3.14 -5.59
CA ALA D 9 23.96 4.27 -5.76
C ALA D 9 23.60 4.91 -7.07
N LEU D 10 23.46 6.23 -7.05
CA LEU D 10 23.05 6.98 -8.22
C LEU D 10 24.20 7.85 -8.69
N ILE D 11 24.55 7.72 -9.96
CA ILE D 11 25.62 8.54 -10.50
C ILE D 11 25.08 9.56 -11.48
N GLY D 12 25.16 10.83 -11.10
CA GLY D 12 24.56 11.90 -11.85
C GLY D 12 23.28 12.41 -11.20
N ALA D 13 23.35 13.58 -10.57
CA ALA D 13 22.18 14.22 -9.97
C ALA D 13 21.62 15.38 -10.82
N GLY D 14 21.38 15.14 -12.10
CA GLY D 14 20.74 16.13 -12.95
C GLY D 14 19.22 15.99 -12.91
N PHE D 15 18.57 16.35 -14.00
CA PHE D 15 17.11 16.28 -14.03
C PHE D 15 16.64 14.84 -13.86
N VAL D 16 17.18 13.94 -14.67
CA VAL D 16 16.82 12.53 -14.57
C VAL D 16 17.24 11.90 -13.23
N GLY D 17 18.48 12.13 -12.80
CA GLY D 17 18.97 11.55 -11.57
C GLY D 17 18.18 12.01 -10.35
N SER D 18 18.02 13.31 -10.23
CA SER D 18 17.24 13.91 -9.15
C SER D 18 15.77 13.42 -9.09
N SER D 19 15.08 13.39 -10.23
CA SER D 19 13.71 12.91 -10.30
C SER D 19 13.62 11.43 -9.97
N TYR D 20 14.61 10.66 -10.42
CA TYR D 20 14.71 9.24 -10.11
C TYR D 20 14.75 9.02 -8.61
N ALA D 21 15.58 9.83 -7.95
CA ALA D 21 15.72 9.78 -6.49
C ALA D 21 14.40 10.08 -5.77
N PHE D 22 13.77 11.17 -6.20
CA PHE D 22 12.52 11.61 -5.62
C PHE D 22 11.45 10.54 -5.83
N ALA D 23 11.48 9.90 -6.98
CA ALA D 23 10.57 8.78 -7.24
C ALA D 23 10.83 7.58 -6.33
N LEU D 24 12.09 7.29 -6.05
CA LEU D 24 12.38 6.18 -5.14
C LEU D 24 11.87 6.50 -3.75
N ILE D 25 12.10 7.73 -3.31
CA ILE D 25 11.68 8.16 -2.00
C ILE D 25 10.15 8.18 -1.86
N ASN D 26 9.45 8.73 -2.84
CA ASN D 26 7.98 8.70 -2.83
C ASN D 26 7.39 7.31 -2.91
N GLN D 27 8.09 6.38 -3.56
CA GLN D 27 7.55 5.03 -3.71
C GLN D 27 8.01 3.99 -2.68
N GLY D 28 8.99 4.35 -1.85
CA GLY D 28 9.48 3.44 -0.83
C GLY D 28 10.11 2.19 -1.43
N ILE D 29 10.97 2.39 -2.44
CA ILE D 29 11.49 1.27 -3.21
C ILE D 29 12.81 0.70 -2.67
N THR D 30 13.70 1.56 -2.21
CA THR D 30 14.97 1.13 -1.67
C THR D 30 15.08 1.48 -0.17
N ASP D 31 16.05 0.89 0.51
CA ASP D 31 16.31 1.24 1.91
C ASP D 31 17.33 2.37 2.00
N GLU D 32 18.34 2.34 1.15
CA GLU D 32 19.37 3.35 1.20
C GLU D 32 19.59 3.86 -0.20
N LEU D 33 19.98 5.11 -0.28
CA LEU D 33 20.33 5.70 -1.56
C LEU D 33 21.51 6.63 -1.36
N VAL D 34 22.52 6.47 -2.21
CA VAL D 34 23.69 7.33 -2.21
C VAL D 34 23.74 8.12 -3.50
N VAL D 35 24.03 9.40 -3.42
CA VAL D 35 24.05 10.23 -4.61
C VAL D 35 25.46 10.72 -4.89
N ILE D 36 25.94 10.47 -6.11
CA ILE D 36 27.28 10.83 -6.54
C ILE D 36 27.25 11.73 -7.77
N ASP D 37 28.00 12.84 -7.71
CA ASP D 37 28.08 13.72 -8.87
C ASP D 37 29.44 14.40 -8.93
N VAL D 38 29.95 14.59 -10.15
CA VAL D 38 31.21 15.31 -10.34
C VAL D 38 31.10 16.72 -9.75
N ASN D 39 29.94 17.32 -9.91
CA ASN D 39 29.61 18.59 -9.27
C ASN D 39 29.11 18.34 -7.85
N LYS D 40 30.03 18.33 -6.89
CA LYS D 40 29.73 17.89 -5.53
C LYS D 40 28.68 18.75 -4.85
N GLU D 41 28.74 20.06 -5.08
CA GLU D 41 27.81 20.97 -4.42
C GLU D 41 26.35 20.74 -4.80
N LYS D 42 26.11 20.43 -6.08
CA LYS D 42 24.73 20.14 -6.49
C LYS D 42 24.25 18.87 -5.81
N ALA D 43 25.11 17.87 -5.78
CA ALA D 43 24.76 16.58 -5.18
C ALA D 43 24.48 16.72 -3.69
N MET D 44 25.33 17.48 -2.98
CA MET D 44 25.09 17.74 -1.56
C MET D 44 23.75 18.43 -1.36
N GLY D 45 23.52 19.49 -2.13
CA GLY D 45 22.30 20.29 -2.01
C GLY D 45 21.05 19.47 -2.28
N ASP D 46 21.13 18.65 -3.31
CA ASP D 46 20.02 17.78 -3.67
C ASP D 46 19.68 16.75 -2.59
N VAL D 47 20.72 16.17 -1.98
CA VAL D 47 20.52 15.21 -0.91
C VAL D 47 19.81 15.90 0.26
N MET D 48 20.17 17.16 0.51
CA MET D 48 19.58 17.89 1.64
C MET D 48 18.12 18.15 1.35
N ASP D 49 17.82 18.52 0.11
CA ASP D 49 16.45 18.81 -0.27
C ASP D 49 15.61 17.55 -0.17
N LEU D 50 16.12 16.45 -0.71
CA LEU D 50 15.44 15.17 -0.63
C LEU D 50 15.20 14.73 0.80
N ASN D 51 16.15 15.05 1.70
CA ASN D 51 16.04 14.67 3.11
C ASN D 51 15.15 15.59 3.94
N HIS D 52 14.96 16.80 3.43
CA HIS D 52 14.12 17.81 4.07
C HIS D 52 12.73 17.26 4.37
N GLY D 53 12.10 16.66 3.37
CA GLY D 53 10.78 16.10 3.53
C GLY D 53 10.76 14.63 3.88
N LYS D 54 11.87 14.14 4.43
CA LYS D 54 12.05 12.73 4.69
C LYS D 54 10.91 12.16 5.52
N ALA D 55 10.50 12.92 6.53
CA ALA D 55 9.45 12.48 7.45
C ALA D 55 8.13 12.19 6.77
N PHE D 56 7.93 12.70 5.56
CA PHE D 56 6.69 12.44 4.82
C PHE D 56 6.73 11.21 3.91
N ALA D 57 7.92 10.64 3.71
CA ALA D 57 8.03 9.47 2.87
C ALA D 57 7.25 8.32 3.50
N PRO D 58 6.58 7.52 2.66
CA PRO D 58 5.83 6.33 3.08
C PRO D 58 6.71 5.31 3.78
N GLN D 59 7.92 5.08 3.25
CA GLN D 59 8.86 4.17 3.88
C GLN D 59 10.13 4.91 4.23
N PRO D 60 10.76 4.55 5.36
CA PRO D 60 12.01 5.23 5.70
C PRO D 60 13.04 4.94 4.62
N VAL D 61 13.81 5.96 4.25
CA VAL D 61 14.86 5.77 3.27
C VAL D 61 16.02 6.64 3.67
N LYS D 62 17.18 6.01 3.78
CA LYS D 62 18.40 6.72 4.13
C LYS D 62 19.05 7.25 2.86
N THR D 63 19.01 8.56 2.67
CA THR D 63 19.64 9.19 1.52
C THR D 63 20.89 9.95 1.94
N SER D 64 21.99 9.79 1.20
CA SER D 64 23.23 10.46 1.56
C SER D 64 24.05 10.88 0.36
N TYR D 65 24.86 11.92 0.55
CA TYR D 65 25.86 12.28 -0.44
C TYR D 65 27.00 11.28 -0.34
N GLY D 66 27.58 10.91 -1.48
CA GLY D 66 28.64 9.93 -1.48
C GLY D 66 29.65 10.18 -2.56
N THR D 67 30.67 9.32 -2.60
CA THR D 67 31.67 9.35 -3.63
C THR D 67 31.79 7.93 -4.14
N TYR D 68 32.62 7.72 -5.14
CA TYR D 68 32.68 6.44 -5.84
C TYR D 68 32.91 5.22 -4.94
N GLU D 69 33.64 5.40 -3.86
CA GLU D 69 33.96 4.28 -2.98
C GLU D 69 32.72 3.79 -2.24
N ASP D 70 31.69 4.63 -2.20
CA ASP D 70 30.46 4.29 -1.47
C ASP D 70 29.63 3.26 -2.23
N CYS D 71 30.05 2.97 -3.45
CA CYS D 71 29.42 1.95 -4.28
C CYS D 71 29.72 0.53 -3.85
N LYS D 72 30.74 0.34 -3.02
CA LYS D 72 31.25 -1.00 -2.73
C LYS D 72 30.12 -2.02 -2.55
N ASP D 73 29.21 -1.72 -1.63
CA ASP D 73 28.13 -2.65 -1.29
C ASP D 73 26.75 -2.26 -1.85
N ALA D 74 26.74 -1.48 -2.92
CA ALA D 74 25.49 -1.12 -3.57
C ALA D 74 24.94 -2.31 -4.33
N ASP D 75 23.64 -2.56 -4.20
CA ASP D 75 23.00 -3.63 -4.94
C ASP D 75 22.91 -3.25 -6.41
N ILE D 76 22.75 -1.95 -6.66
CA ILE D 76 22.49 -1.42 -7.99
C ILE D 76 23.23 -0.12 -8.11
N VAL D 77 23.85 0.10 -9.28
CA VAL D 77 24.41 1.40 -9.58
C VAL D 77 23.66 1.94 -10.78
N CYS D 78 23.09 3.12 -10.62
CA CYS D 78 22.29 3.68 -11.70
C CYS D 78 23.03 4.86 -12.28
N ILE D 79 23.25 4.82 -13.60
CA ILE D 79 24.00 5.87 -14.29
C ILE D 79 23.13 6.82 -15.11
N CYS D 80 23.08 8.07 -14.67
CA CYS D 80 22.21 9.08 -15.27
C CYS D 80 23.05 10.29 -15.62
N ALA D 81 24.37 10.09 -15.57
CA ALA D 81 25.31 11.14 -15.90
C ALA D 81 25.51 11.10 -17.39
N GLY D 82 25.96 12.21 -17.96
CA GLY D 82 26.21 12.25 -19.40
C GLY D 82 26.72 13.59 -19.86
N ALA D 83 27.05 13.67 -21.15
CA ALA D 83 27.59 14.90 -21.72
C ALA D 83 26.49 15.87 -22.11
N ASN D 84 26.79 17.17 -22.01
CA ASN D 84 25.88 18.19 -22.47
C ASN D 84 25.90 18.33 -24.00
N GLN D 85 24.78 18.75 -24.56
CA GLN D 85 24.73 19.08 -25.97
C GLN D 85 25.52 20.37 -26.15
N LYS D 86 26.20 20.51 -27.28
CA LYS D 86 26.90 21.76 -27.59
C LYS D 86 26.18 22.58 -28.66
N PRO D 87 24.83 22.48 -28.72
CA PRO D 87 23.93 22.73 -29.86
C PRO D 87 24.55 23.06 -31.22
N GLY D 88 25.86 23.30 -31.26
CA GLY D 88 26.57 23.51 -32.51
C GLY D 88 27.01 22.19 -33.10
N GLU D 89 28.11 21.66 -32.59
CA GLU D 89 28.63 20.38 -33.08
C GLU D 89 27.59 19.28 -32.91
N THR D 90 26.60 19.27 -33.82
CA THR D 90 25.56 18.27 -33.79
C THR D 90 26.19 16.90 -33.69
N ARG D 91 27.43 16.79 -34.19
CA ARG D 91 28.21 15.56 -34.15
C ARG D 91 27.29 14.38 -33.93
N LEU D 92 26.75 13.87 -35.03
CA LEU D 92 25.85 12.73 -34.99
C LEU D 92 26.46 11.67 -34.07
N GLU D 93 27.79 11.72 -33.96
CA GLU D 93 28.50 11.02 -32.89
C GLU D 93 28.31 11.76 -31.56
N LEU D 94 29.36 12.43 -31.08
CA LEU D 94 29.36 13.02 -29.73
C LEU D 94 29.18 11.91 -28.70
N VAL D 95 28.65 10.79 -29.16
CA VAL D 95 28.65 9.54 -28.43
C VAL D 95 30.03 9.30 -27.88
N GLU D 96 31.02 9.83 -28.59
CA GLU D 96 32.40 9.79 -28.12
C GLU D 96 32.54 10.52 -26.77
N LYS D 97 31.91 11.68 -26.64
CA LYS D 97 31.92 12.42 -25.38
C LYS D 97 31.45 11.53 -24.23
N ASN D 98 30.34 10.83 -24.46
CA ASN D 98 29.72 10.00 -23.42
C ASN D 98 30.50 8.73 -23.11
N LEU D 99 31.02 8.08 -24.14
CA LEU D 99 31.84 6.90 -23.94
C LEU D 99 32.99 7.19 -23.00
N LYS D 100 33.58 8.38 -23.12
CA LYS D 100 34.72 8.72 -22.28
C LYS D 100 34.27 8.89 -20.83
N ILE D 101 33.10 9.50 -20.66
CA ILE D 101 32.51 9.68 -19.35
C ILE D 101 32.25 8.32 -18.68
N PHE D 102 31.64 7.42 -19.42
CA PHE D 102 31.28 6.11 -18.90
C PHE D 102 32.52 5.27 -18.65
N LYS D 103 33.53 5.43 -19.48
CA LYS D 103 34.79 4.71 -19.26
C LYS D 103 35.33 5.08 -17.88
N GLY D 104 35.41 6.38 -17.61
CA GLY D 104 35.96 6.85 -16.35
C GLY D 104 35.09 6.47 -15.17
N ILE D 105 33.78 6.63 -15.35
CA ILE D 105 32.80 6.31 -14.31
C ILE D 105 32.84 4.82 -13.96
N VAL D 106 32.72 3.94 -14.95
CA VAL D 106 32.71 2.51 -14.68
C VAL D 106 33.98 2.06 -13.96
N SER D 107 35.11 2.65 -14.34
CA SER D 107 36.39 2.34 -13.72
C SER D 107 36.38 2.61 -12.23
N GLU D 108 35.93 3.80 -11.87
CA GLU D 108 35.86 4.17 -10.46
C GLU D 108 34.96 3.25 -9.63
N VAL D 109 33.85 2.79 -10.20
CA VAL D 109 32.95 1.99 -9.39
C VAL D 109 33.46 0.57 -9.26
N MET D 110 34.03 0.02 -10.33
CA MET D 110 34.66 -1.29 -10.24
C MET D 110 35.80 -1.27 -9.22
N ALA D 111 36.59 -0.19 -9.24
CA ALA D 111 37.70 -0.01 -8.32
C ALA D 111 37.29 0.00 -6.84
N SER D 112 36.07 0.41 -6.57
CA SER D 112 35.57 0.53 -5.19
C SER D 112 35.29 -0.84 -4.59
N GLY D 113 35.10 -1.85 -5.43
CA GLY D 113 34.76 -3.18 -4.98
C GLY D 113 33.35 -3.61 -5.33
N PHE D 114 32.63 -2.70 -5.99
CA PHE D 114 31.26 -2.93 -6.36
C PHE D 114 31.16 -4.18 -7.21
N ASP D 115 30.20 -5.05 -6.90
CA ASP D 115 29.70 -5.96 -7.91
C ASP D 115 28.25 -6.36 -7.64
N GLY D 116 27.37 -5.42 -7.97
CA GLY D 116 25.94 -5.67 -8.01
C GLY D 116 25.51 -5.59 -9.47
N ILE D 117 24.56 -4.70 -9.75
CA ILE D 117 24.00 -4.56 -11.10
C ILE D 117 24.14 -3.11 -11.57
N PHE D 118 24.46 -2.93 -12.84
CA PHE D 118 24.40 -1.60 -13.44
C PHE D 118 23.04 -1.38 -14.08
N LEU D 119 22.55 -0.15 -13.97
CA LEU D 119 21.33 0.28 -14.66
C LEU D 119 21.68 1.55 -15.38
N VAL D 120 21.56 1.53 -16.70
CA VAL D 120 21.99 2.65 -17.53
C VAL D 120 20.79 3.40 -18.11
N ALA D 121 20.80 4.72 -18.00
CA ALA D 121 19.70 5.53 -18.50
C ALA D 121 20.10 6.53 -19.59
N THR D 122 21.33 7.03 -19.54
CA THR D 122 21.82 8.00 -20.52
C THR D 122 21.66 7.53 -21.97
N ASN D 123 21.49 8.48 -22.88
CA ASN D 123 21.34 8.15 -24.30
C ASN D 123 22.63 8.31 -25.12
N PRO D 124 22.80 7.48 -26.16
CA PRO D 124 21.86 6.43 -26.62
C PRO D 124 21.96 5.19 -25.75
N VAL D 125 20.85 4.84 -25.09
CA VAL D 125 20.90 3.87 -24.01
C VAL D 125 21.45 2.49 -24.44
N ASP D 126 21.09 2.01 -25.63
CA ASP D 126 21.55 0.70 -26.06
C ASP D 126 23.07 0.67 -26.23
N ILE D 127 23.62 1.69 -26.86
CA ILE D 127 25.05 1.81 -27.05
C ILE D 127 25.77 1.83 -25.71
N LEU D 128 25.42 2.79 -24.86
CA LEU D 128 26.08 2.95 -23.57
C LEU D 128 25.86 1.75 -22.63
N THR D 129 24.85 0.94 -22.87
CA THR D 129 24.66 -0.26 -22.06
C THR D 129 25.71 -1.30 -22.46
N TYR D 130 25.87 -1.48 -23.78
CA TYR D 130 26.90 -2.35 -24.35
C TYR D 130 28.27 -1.93 -23.84
N ALA D 131 28.53 -0.63 -23.89
CA ALA D 131 29.79 -0.07 -23.42
C ALA D 131 30.05 -0.36 -21.95
N THR D 132 29.01 -0.22 -21.12
CA THR D 132 29.15 -0.39 -19.68
C THR D 132 29.53 -1.83 -19.36
N TRP D 133 28.91 -2.77 -20.06
CA TRP D 133 29.26 -4.18 -19.95
C TRP D 133 30.74 -4.39 -20.28
N LYS D 134 31.15 -3.86 -21.43
CA LYS D 134 32.54 -3.96 -21.85
C LYS D 134 33.48 -3.36 -20.80
N PHE D 135 33.25 -2.11 -20.44
CA PHE D 135 34.14 -1.41 -19.51
C PHE D 135 34.20 -2.05 -18.13
N SER D 136 33.18 -2.82 -17.78
CA SER D 136 33.06 -3.34 -16.42
C SER D 136 33.54 -4.79 -16.31
N GLY D 137 33.31 -5.58 -17.35
CA GLY D 137 33.67 -6.98 -17.31
C GLY D 137 32.76 -7.83 -16.45
N LEU D 138 31.58 -7.29 -16.12
CA LEU D 138 30.57 -8.07 -15.41
C LEU D 138 29.82 -8.96 -16.37
N PRO D 139 29.16 -10.01 -15.86
CA PRO D 139 28.34 -10.84 -16.74
C PRO D 139 27.20 -10.04 -17.38
N LYS D 140 26.80 -10.41 -18.59
CA LYS D 140 25.85 -9.60 -19.34
C LYS D 140 24.50 -9.44 -18.64
N GLU D 141 24.12 -10.42 -17.83
CA GLU D 141 22.84 -10.39 -17.12
C GLU D 141 22.79 -9.32 -16.02
N ARG D 142 23.92 -8.68 -15.77
CA ARG D 142 24.01 -7.69 -14.69
C ARG D 142 24.37 -6.29 -15.17
N VAL D 143 24.32 -6.07 -16.47
CA VAL D 143 24.30 -4.74 -16.98
C VAL D 143 22.96 -4.63 -17.69
N ILE D 144 22.17 -3.63 -17.32
CA ILE D 144 20.82 -3.46 -17.84
C ILE D 144 20.58 -2.00 -18.25
N GLY D 145 19.95 -1.81 -19.40
CA GLY D 145 19.58 -0.47 -19.85
C GLY D 145 18.07 -0.27 -19.83
N SER D 146 17.65 0.98 -19.67
CA SER D 146 16.22 1.26 -19.59
C SER D 146 15.49 0.82 -20.86
N GLY D 147 16.20 0.79 -21.98
CA GLY D 147 15.67 0.25 -23.22
C GLY D 147 14.41 0.93 -23.70
N THR D 148 13.42 0.13 -24.09
CA THR D 148 12.15 0.64 -24.56
C THR D 148 11.01 0.43 -23.54
N THR D 149 11.38 0.26 -22.28
CA THR D 149 10.39 -0.04 -21.24
C THR D 149 9.32 1.04 -21.15
N LEU D 150 9.75 2.30 -21.15
CA LEU D 150 8.83 3.43 -21.13
C LEU D 150 7.86 3.35 -22.31
N ASP D 151 8.41 3.32 -23.51
CA ASP D 151 7.60 3.24 -24.70
C ASP D 151 6.65 2.03 -24.74
N SER D 152 7.11 0.87 -24.31
CA SER D 152 6.20 -0.29 -24.23
C SER D 152 5.06 -0.02 -23.25
N ALA D 153 5.38 0.60 -22.11
CA ALA D 153 4.39 0.87 -21.07
C ALA D 153 3.33 1.89 -21.48
N ARG D 154 3.73 2.96 -22.16
CA ARG D 154 2.78 3.90 -22.75
C ARG D 154 1.85 3.11 -23.64
N PHE D 155 2.46 2.42 -24.60
CA PHE D 155 1.76 1.62 -25.59
C PHE D 155 0.70 0.74 -24.93
N ARG D 156 1.13 -0.08 -23.99
CA ARG D 156 0.27 -1.06 -23.35
C ARG D 156 -0.93 -0.42 -22.62
N PHE D 157 -0.67 0.66 -21.91
CA PHE D 157 -1.71 1.40 -21.21
C PHE D 157 -2.63 2.18 -22.16
N MET D 158 -2.01 2.79 -23.18
CA MET D 158 -2.74 3.58 -24.16
C MET D 158 -3.76 2.70 -24.87
N LEU D 159 -3.53 1.39 -24.79
CA LEU D 159 -4.42 0.42 -25.40
C LEU D 159 -5.46 -0.12 -24.43
N SER D 160 -5.15 -0.15 -23.12
CA SER D 160 -6.15 -0.61 -22.15
C SER D 160 -7.29 0.41 -22.10
N GLU D 161 -6.98 1.65 -22.51
CA GLU D 161 -7.99 2.67 -22.71
C GLU D 161 -8.83 2.34 -23.94
N TYR D 162 -8.14 2.20 -25.07
CA TYR D 162 -8.78 1.96 -26.35
C TYR D 162 -9.80 0.82 -26.35
N PHE D 163 -9.38 -0.33 -25.81
CA PHE D 163 -10.22 -1.54 -25.76
C PHE D 163 -10.98 -1.69 -24.44
N GLY D 164 -10.65 -0.85 -23.45
CA GLY D 164 -11.37 -0.82 -22.20
C GLY D 164 -11.14 -1.97 -21.22
N ALA D 165 -9.89 -2.32 -20.97
CA ALA D 165 -9.54 -3.23 -19.89
C ALA D 165 -8.47 -2.63 -18.98
N ALA D 166 -8.16 -3.31 -17.88
CA ALA D 166 -7.03 -2.91 -17.05
C ALA D 166 -5.76 -3.23 -17.83
N PRO D 167 -4.74 -2.37 -17.71
CA PRO D 167 -3.46 -2.63 -18.36
C PRO D 167 -2.95 -4.00 -17.92
N GLN D 168 -3.41 -4.45 -16.77
CA GLN D 168 -3.00 -5.73 -16.22
C GLN D 168 -3.31 -6.88 -17.18
N ASN D 169 -4.32 -6.64 -18.03
CA ASN D 169 -4.89 -7.67 -18.92
C ASN D 169 -4.53 -7.45 -20.39
N VAL D 170 -3.81 -6.36 -20.67
CA VAL D 170 -3.50 -5.99 -22.05
C VAL D 170 -2.02 -6.13 -22.42
N CYS D 171 -1.71 -7.10 -23.28
CA CYS D 171 -0.34 -7.41 -23.66
C CYS D 171 0.11 -6.64 -24.91
N ALA D 172 1.25 -5.97 -24.84
CA ALA D 172 1.79 -5.25 -25.98
C ALA D 172 3.22 -4.79 -25.73
N HIS D 173 4.11 -5.04 -26.68
CA HIS D 173 5.51 -4.70 -26.51
C HIS D 173 6.00 -3.75 -27.57
N ILE D 174 7.10 -3.09 -27.27
CA ILE D 174 7.83 -2.32 -28.25
C ILE D 174 9.30 -2.68 -28.11
N ILE D 175 9.88 -3.19 -29.19
CA ILE D 175 11.24 -3.68 -29.15
C ILE D 175 12.16 -2.96 -30.15
N GLY D 176 13.44 -3.32 -30.12
CA GLY D 176 14.40 -2.71 -31.01
C GLY D 176 15.22 -1.69 -30.28
N GLU D 177 15.99 -0.92 -31.04
CA GLU D 177 16.76 0.17 -30.47
C GLU D 177 15.81 1.19 -29.89
N HIS D 178 16.16 1.77 -28.75
CA HIS D 178 15.38 2.87 -28.20
C HIS D 178 15.62 4.08 -29.07
N GLY D 179 14.62 4.41 -29.88
CA GLY D 179 14.77 5.49 -30.83
C GLY D 179 13.94 5.28 -32.08
N ASP D 180 14.48 5.75 -33.19
CA ASP D 180 13.73 5.82 -34.44
C ASP D 180 13.37 4.44 -34.99
N THR D 181 14.33 3.53 -34.95
CA THR D 181 14.15 2.22 -35.56
C THR D 181 13.40 1.22 -34.68
N GLU D 182 12.88 1.69 -33.55
CA GLU D 182 12.11 0.81 -32.68
C GLU D 182 10.77 0.49 -33.32
N LEU D 183 10.16 -0.60 -32.87
CA LEU D 183 9.02 -1.18 -33.59
C LEU D 183 8.03 -1.86 -32.65
N PRO D 184 6.74 -1.80 -32.99
CA PRO D 184 5.69 -2.48 -32.24
C PRO D 184 5.57 -3.95 -32.62
N VAL D 185 5.17 -4.79 -31.68
CA VAL D 185 5.01 -6.20 -31.97
C VAL D 185 3.53 -6.53 -32.11
N TRP D 186 2.94 -6.04 -33.20
CA TRP D 186 1.52 -6.22 -33.43
C TRP D 186 1.09 -7.68 -33.39
N SER D 187 1.97 -8.59 -33.78
CA SER D 187 1.63 -10.00 -33.90
C SER D 187 1.30 -10.68 -32.56
N HIS D 188 1.72 -10.07 -31.46
CA HIS D 188 1.48 -10.66 -30.14
C HIS D 188 0.68 -9.73 -29.21
N ALA D 189 0.35 -8.54 -29.73
CA ALA D 189 -0.56 -7.64 -29.05
C ALA D 189 -1.92 -8.29 -28.84
N ASN D 190 -2.37 -8.38 -27.60
CA ASN D 190 -3.68 -8.93 -27.30
C ASN D 190 -4.36 -8.33 -26.08
N VAL D 191 -5.65 -8.05 -26.22
CA VAL D 191 -6.49 -7.50 -25.14
C VAL D 191 -7.37 -8.59 -24.55
N GLY D 192 -7.33 -8.77 -23.23
CA GLY D 192 -7.89 -9.98 -22.67
C GLY D 192 -7.06 -11.06 -23.35
N GLY D 193 -7.52 -12.30 -23.36
CA GLY D 193 -6.81 -13.33 -24.10
C GLY D 193 -7.02 -13.30 -25.62
N VAL D 194 -7.33 -12.13 -26.18
CA VAL D 194 -7.77 -12.01 -27.58
C VAL D 194 -6.88 -11.10 -28.45
N PRO D 195 -6.22 -11.69 -29.47
CA PRO D 195 -5.31 -10.94 -30.35
C PRO D 195 -5.95 -9.69 -30.94
N VAL D 196 -5.11 -8.71 -31.24
CA VAL D 196 -5.56 -7.41 -31.69
C VAL D 196 -6.17 -7.45 -33.07
N SER D 197 -5.56 -8.22 -33.97
CA SER D 197 -6.08 -8.33 -35.33
C SER D 197 -7.52 -8.85 -35.33
N GLU D 198 -7.82 -9.79 -34.44
CA GLU D 198 -9.17 -10.32 -34.29
C GLU D 198 -10.17 -9.20 -33.98
N LEU D 199 -9.80 -8.34 -33.03
CA LEU D 199 -10.68 -7.26 -32.59
C LEU D 199 -10.81 -6.19 -33.67
N VAL D 200 -9.77 -6.05 -34.49
CA VAL D 200 -9.72 -5.06 -35.57
C VAL D 200 -10.74 -5.32 -36.67
N GLU D 201 -10.79 -6.56 -37.15
CA GLU D 201 -11.71 -6.94 -38.22
C GLU D 201 -13.14 -7.10 -37.71
N LYS D 202 -13.32 -7.86 -36.63
CA LYS D 202 -14.63 -8.16 -36.05
C LYS D 202 -15.29 -6.94 -35.40
N ASN D 203 -14.77 -5.76 -35.71
CA ASN D 203 -15.29 -4.50 -35.18
C ASN D 203 -14.83 -3.29 -35.97
N ASP D 204 -15.62 -2.22 -35.90
CA ASP D 204 -15.19 -0.97 -36.50
C ASP D 204 -15.32 0.19 -35.52
N ALA D 205 -15.61 -0.15 -34.27
CA ALA D 205 -15.37 0.75 -33.15
C ALA D 205 -13.86 0.72 -32.93
N TYR D 206 -13.23 -0.28 -33.55
CA TYR D 206 -11.78 -0.48 -33.48
C TYR D 206 -11.18 -0.42 -34.87
N LYS D 207 -11.12 0.78 -35.44
CA LYS D 207 -10.53 0.98 -36.75
C LYS D 207 -9.06 0.64 -36.69
N GLN D 208 -8.49 0.25 -37.82
CA GLN D 208 -7.13 -0.29 -37.87
C GLN D 208 -6.04 0.78 -38.13
N GLU D 209 -6.48 2.02 -38.32
CA GLU D 209 -5.58 3.14 -38.51
C GLU D 209 -5.42 3.92 -37.20
N GLU D 210 -6.42 3.76 -36.32
CA GLU D 210 -6.40 4.37 -34.99
C GLU D 210 -5.37 3.69 -34.09
N LEU D 211 -5.19 2.38 -34.26
CA LEU D 211 -4.15 1.65 -33.58
C LEU D 211 -2.78 2.01 -34.15
N ASP D 212 -2.75 2.38 -35.41
CA ASP D 212 -1.50 2.77 -36.06
C ASP D 212 -0.96 4.09 -35.52
N GLN D 213 -1.83 5.08 -35.38
CA GLN D 213 -1.39 6.41 -34.94
C GLN D 213 -0.89 6.40 -33.49
N ILE D 214 -1.48 5.54 -32.67
CA ILE D 214 -1.05 5.39 -31.29
C ILE D 214 0.44 5.10 -31.20
N VAL D 215 0.97 4.42 -32.20
CA VAL D 215 2.38 4.06 -32.24
C VAL D 215 3.24 5.28 -32.52
N ASP D 216 2.74 6.19 -33.35
CA ASP D 216 3.49 7.39 -33.67
C ASP D 216 3.57 8.30 -32.45
N ASP D 217 2.52 8.28 -31.64
CA ASP D 217 2.50 9.06 -30.42
C ASP D 217 3.62 8.58 -29.52
N VAL D 218 3.67 7.27 -29.34
CA VAL D 218 4.64 6.67 -28.44
C VAL D 218 6.06 7.00 -28.89
N LYS D 219 6.31 6.88 -30.19
CA LYS D 219 7.65 7.09 -30.71
C LYS D 219 8.09 8.55 -30.68
N ASN D 220 7.12 9.47 -30.72
CA ASN D 220 7.47 10.89 -30.80
C ASN D 220 7.23 11.65 -29.49
N ALA D 221 6.72 10.95 -28.49
CA ALA D 221 6.38 11.59 -27.22
C ALA D 221 7.53 12.39 -26.64
N ALA D 222 8.72 11.81 -26.61
CA ALA D 222 9.90 12.45 -26.03
C ALA D 222 10.35 13.69 -26.80
N TYR D 223 10.26 13.64 -28.12
CA TYR D 223 10.63 14.77 -28.94
C TYR D 223 9.72 15.95 -28.61
N HIS D 224 8.44 15.68 -28.47
CA HIS D 224 7.48 16.74 -28.19
C HIS D 224 7.67 17.37 -26.82
N ILE D 225 8.03 16.56 -25.83
CA ILE D 225 8.30 17.08 -24.51
C ILE D 225 9.53 17.96 -24.57
N ILE D 226 10.54 17.50 -25.30
CA ILE D 226 11.80 18.22 -25.39
C ILE D 226 11.59 19.56 -26.07
N GLU D 227 10.77 19.51 -27.12
CA GLU D 227 10.38 20.69 -27.89
C GLU D 227 9.78 21.80 -27.02
N LYS D 228 9.01 21.43 -25.99
CA LYS D 228 8.35 22.39 -25.11
C LYS D 228 9.16 22.79 -23.86
N LYS D 229 9.78 21.80 -23.23
CA LYS D 229 10.37 21.97 -21.91
C LYS D 229 11.92 21.99 -21.96
N GLY D 230 12.50 21.46 -23.04
CA GLY D 230 13.94 21.33 -23.15
C GLY D 230 14.57 20.00 -22.74
N ALA D 231 13.82 19.15 -22.04
CA ALA D 231 14.33 17.87 -21.56
C ALA D 231 13.18 17.00 -21.06
N THR D 232 13.34 15.68 -21.11
CA THR D 232 12.38 14.80 -20.45
C THR D 232 13.03 14.24 -19.19
N TYR D 233 12.30 14.21 -18.09
CA TYR D 233 12.83 13.56 -16.90
C TYR D 233 11.82 12.78 -16.07
N TYR D 234 10.59 13.27 -15.98
CA TYR D 234 9.65 12.63 -15.08
C TYR D 234 9.31 11.22 -15.52
N GLY D 235 9.07 11.05 -16.81
CA GLY D 235 8.69 9.76 -17.35
C GLY D 235 9.84 8.77 -17.27
N VAL D 236 11.04 9.23 -17.61
CA VAL D 236 12.23 8.39 -17.55
C VAL D 236 12.45 7.91 -16.13
N ALA D 237 12.43 8.85 -15.19
CA ALA D 237 12.63 8.56 -13.76
C ALA D 237 11.66 7.51 -13.27
N MET D 238 10.44 7.55 -13.78
CA MET D 238 9.43 6.55 -13.42
C MET D 238 9.81 5.16 -13.94
N SER D 239 10.36 5.10 -15.15
CA SER D 239 10.71 3.82 -15.74
C SER D 239 11.89 3.23 -14.99
N LEU D 240 12.86 4.07 -14.67
CA LEU D 240 14.00 3.63 -13.91
C LEU D 240 13.58 3.10 -12.55
N ALA D 241 12.64 3.77 -11.89
CA ALA D 241 12.24 3.36 -10.55
C ALA D 241 11.53 2.01 -10.64
N ARG D 242 10.86 1.79 -11.76
CA ARG D 242 10.14 0.57 -11.98
C ARG D 242 11.12 -0.61 -12.16
N ILE D 243 12.14 -0.39 -12.98
CA ILE D 243 13.16 -1.40 -13.22
C ILE D 243 13.86 -1.75 -11.91
N THR D 244 14.26 -0.72 -11.17
CA THR D 244 14.86 -0.89 -9.84
C THR D 244 13.98 -1.71 -8.91
N LYS D 245 12.68 -1.52 -9.03
CA LYS D 245 11.75 -2.24 -8.18
C LYS D 245 11.71 -3.73 -8.54
N ALA D 246 11.73 -4.05 -9.83
CA ALA D 246 11.72 -5.44 -10.25
C ALA D 246 13.01 -6.14 -9.79
N ILE D 247 14.12 -5.41 -9.84
CA ILE D 247 15.36 -5.94 -9.33
C ILE D 247 15.35 -6.12 -7.80
N LEU D 248 15.20 -5.03 -7.05
CA LEU D 248 15.30 -5.09 -5.61
C LEU D 248 14.27 -5.98 -4.91
N HIS D 249 13.13 -6.20 -5.55
CA HIS D 249 12.06 -6.98 -4.93
C HIS D 249 11.85 -8.32 -5.61
N ASN D 250 12.81 -8.70 -6.44
CA ASN D 250 12.81 -10.01 -7.08
C ASN D 250 11.47 -10.35 -7.74
N GLU D 251 10.95 -9.44 -8.55
CA GLU D 251 9.60 -9.58 -9.11
C GLU D 251 9.45 -10.62 -10.22
N ASN D 252 10.53 -10.90 -10.93
CA ASN D 252 10.46 -11.75 -12.12
C ASN D 252 9.48 -11.19 -13.14
N SER D 253 9.41 -9.87 -13.23
CA SER D 253 8.45 -9.27 -14.14
C SER D 253 9.12 -9.01 -15.47
N ILE D 254 8.33 -9.09 -16.53
CA ILE D 254 8.82 -8.94 -17.90
C ILE D 254 8.88 -7.47 -18.34
N LEU D 255 10.07 -7.03 -18.71
CA LEU D 255 10.30 -5.65 -19.12
C LEU D 255 11.19 -5.59 -20.37
N THR D 256 10.84 -4.72 -21.31
CA THR D 256 11.63 -4.58 -22.52
C THR D 256 12.85 -3.73 -22.29
N VAL D 257 13.67 -4.15 -21.34
CA VAL D 257 14.96 -3.49 -21.08
C VAL D 257 16.01 -3.81 -22.16
N SER D 258 17.05 -2.99 -22.24
CA SER D 258 18.22 -3.29 -23.06
C SER D 258 18.90 -4.56 -22.58
N THR D 259 18.93 -5.57 -23.43
CA THR D 259 19.47 -6.88 -23.06
C THR D 259 20.56 -7.29 -24.05
N TYR D 260 21.50 -8.12 -23.61
CA TYR D 260 22.48 -8.68 -24.53
C TYR D 260 21.89 -9.85 -25.29
N LEU D 261 22.01 -9.85 -26.61
CA LEU D 261 21.44 -10.94 -27.42
C LEU D 261 22.48 -11.96 -27.94
N ASP D 262 22.09 -13.24 -27.87
CA ASP D 262 22.93 -14.37 -28.31
C ASP D 262 22.34 -15.07 -29.55
N GLY D 263 22.07 -14.30 -30.60
CA GLY D 263 21.43 -14.82 -31.80
C GLY D 263 19.96 -15.14 -31.60
N GLN D 264 19.43 -14.72 -30.45
CA GLN D 264 18.08 -15.10 -30.05
C GLN D 264 17.00 -14.49 -30.93
N TYR D 265 17.25 -13.31 -31.47
CA TYR D 265 16.36 -12.75 -32.47
C TYR D 265 17.12 -12.54 -33.78
N GLY D 266 17.96 -13.51 -34.13
CA GLY D 266 18.74 -13.42 -35.35
C GLY D 266 19.76 -12.30 -35.25
N ALA D 267 20.12 -11.94 -34.02
CA ALA D 267 21.15 -10.94 -33.81
C ALA D 267 21.98 -11.41 -32.66
N ASP D 268 23.23 -10.96 -32.59
CA ASP D 268 24.05 -11.20 -31.40
C ASP D 268 25.20 -10.21 -31.26
N ASP D 269 25.85 -10.26 -30.11
CA ASP D 269 26.85 -9.25 -29.74
C ASP D 269 26.27 -7.84 -29.83
N VAL D 270 25.12 -7.65 -29.21
CA VAL D 270 24.45 -6.36 -29.20
C VAL D 270 23.50 -6.27 -28.02
N TYR D 271 23.44 -5.08 -27.41
CA TYR D 271 22.40 -4.80 -26.43
C TYR D 271 21.24 -4.15 -27.15
N ILE D 272 20.03 -4.62 -26.86
CA ILE D 272 18.86 -4.12 -27.55
C ILE D 272 17.56 -4.43 -26.79
N GLY D 273 16.53 -3.66 -27.09
CA GLY D 273 15.26 -3.75 -26.39
C GLY D 273 14.44 -4.95 -26.73
N VAL D 274 14.21 -5.81 -25.74
CA VAL D 274 13.48 -7.05 -25.93
C VAL D 274 12.87 -7.47 -24.58
N PRO D 275 11.73 -8.18 -24.59
CA PRO D 275 11.13 -8.63 -23.33
C PRO D 275 12.03 -9.59 -22.55
N ALA D 276 12.65 -9.11 -21.48
CA ALA D 276 13.47 -9.97 -20.63
C ALA D 276 12.84 -10.07 -19.24
N VAL D 277 12.93 -11.25 -18.62
CA VAL D 277 12.47 -11.40 -17.25
C VAL D 277 13.49 -10.79 -16.29
N VAL D 278 13.01 -10.00 -15.33
CA VAL D 278 13.88 -9.22 -14.45
C VAL D 278 13.65 -9.57 -12.99
N ASN D 279 14.74 -9.84 -12.28
CA ASN D 279 14.66 -10.17 -10.88
C ASN D 279 15.95 -9.79 -10.15
N ARG D 280 16.09 -10.21 -8.89
CA ARG D 280 17.21 -9.81 -8.07
C ARG D 280 18.61 -10.11 -8.65
N GLY D 281 18.70 -11.14 -9.50
CA GLY D 281 19.95 -11.47 -10.14
C GLY D 281 20.18 -10.70 -11.43
N GLY D 282 19.17 -9.95 -11.85
CA GLY D 282 19.26 -9.15 -13.06
C GLY D 282 18.42 -9.78 -14.14
N ILE D 283 18.95 -9.88 -15.34
CA ILE D 283 18.25 -10.59 -16.39
C ILE D 283 18.23 -12.09 -16.06
N ALA D 284 17.04 -12.67 -16.02
CA ALA D 284 16.91 -14.07 -15.63
C ALA D 284 16.53 -14.90 -16.84
N GLY D 285 16.02 -14.25 -17.87
CA GLY D 285 15.65 -14.90 -19.11
C GLY D 285 15.33 -13.88 -20.19
N ILE D 286 15.25 -14.33 -21.43
CA ILE D 286 14.74 -13.51 -22.51
C ILE D 286 13.56 -14.25 -23.10
N THR D 287 12.38 -13.64 -23.10
CA THR D 287 11.22 -14.30 -23.71
C THR D 287 11.33 -14.11 -25.22
N GLU D 288 11.11 -15.18 -25.98
CA GLU D 288 11.30 -15.15 -27.43
C GLU D 288 10.00 -15.14 -28.21
N LEU D 289 9.59 -13.96 -28.65
CA LEU D 289 8.39 -13.81 -29.45
C LEU D 289 8.62 -14.36 -30.86
N ASN D 290 7.59 -15.02 -31.38
CA ASN D 290 7.62 -15.54 -32.74
C ASN D 290 7.32 -14.43 -33.73
N LEU D 291 8.31 -13.57 -33.99
CA LEU D 291 8.09 -12.42 -34.88
C LEU D 291 7.62 -12.85 -36.26
N ASN D 292 6.57 -12.18 -36.76
CA ASN D 292 6.20 -12.35 -38.16
C ASN D 292 7.25 -11.69 -39.06
N GLU D 293 7.20 -11.95 -40.36
CA GLU D 293 8.33 -11.57 -41.21
C GLU D 293 8.55 -10.07 -41.30
N LYS D 294 7.47 -9.30 -41.25
CA LYS D 294 7.60 -7.84 -41.22
C LYS D 294 8.45 -7.39 -40.03
N GLU D 295 8.19 -8.00 -38.88
CA GLU D 295 8.87 -7.65 -37.62
C GLU D 295 10.34 -8.10 -37.59
N LYS D 296 10.63 -9.28 -38.13
CA LYS D 296 12.01 -9.75 -38.23
C LYS D 296 12.82 -8.77 -39.08
N GLU D 297 12.22 -8.31 -40.18
CA GLU D 297 12.85 -7.30 -41.02
C GLU D 297 13.20 -6.07 -40.18
N GLN D 298 12.17 -5.48 -39.57
CA GLN D 298 12.33 -4.29 -38.76
C GLN D 298 13.36 -4.49 -37.67
N PHE D 299 13.30 -5.63 -36.99
CA PHE D 299 14.18 -5.84 -35.85
C PHE D 299 15.65 -5.94 -36.22
N LEU D 300 15.96 -6.77 -37.22
CA LEU D 300 17.34 -6.99 -37.62
C LEU D 300 17.93 -5.75 -38.29
N HIS D 301 17.07 -4.97 -38.94
CA HIS D 301 17.46 -3.67 -39.46
C HIS D 301 17.85 -2.76 -38.30
N SER D 302 17.03 -2.82 -37.25
CA SER D 302 17.27 -2.06 -36.03
C SER D 302 18.55 -2.52 -35.33
N ALA D 303 18.75 -3.83 -35.24
CA ALA D 303 19.95 -4.37 -34.60
C ALA D 303 21.18 -4.04 -35.41
N GLY D 304 21.02 -4.01 -36.73
CA GLY D 304 22.09 -3.63 -37.64
C GLY D 304 22.52 -2.20 -37.39
N VAL D 305 21.56 -1.28 -37.37
CA VAL D 305 21.85 0.14 -37.15
C VAL D 305 22.75 0.35 -35.94
N LEU D 306 22.47 -0.37 -34.86
CA LEU D 306 23.22 -0.24 -33.60
C LEU D 306 24.63 -0.78 -33.71
N LYS D 307 24.74 -2.05 -34.12
CA LYS D 307 26.03 -2.72 -34.23
C LYS D 307 26.97 -1.90 -35.10
N ASN D 308 26.39 -1.23 -36.09
CA ASN D 308 27.14 -0.37 -36.99
C ASN D 308 27.91 0.69 -36.22
N ILE D 309 27.19 1.47 -35.42
CA ILE D 309 27.79 2.53 -34.64
C ILE D 309 28.74 1.98 -33.57
N LEU D 310 28.69 0.67 -33.36
CA LEU D 310 29.44 0.03 -32.28
C LEU D 310 30.92 -0.22 -32.57
N LYS D 311 31.19 -1.00 -33.60
CA LYS D 311 32.56 -1.41 -33.91
C LYS D 311 33.50 -0.23 -33.93
N PRO D 312 33.16 0.78 -34.69
CA PRO D 312 34.05 1.96 -34.73
C PRO D 312 34.66 2.29 -33.36
N HIS D 313 34.02 1.85 -32.27
CA HIS D 313 34.54 2.08 -30.93
C HIS D 313 34.93 0.77 -30.25
N PHE D 314 34.54 -0.35 -30.84
CA PHE D 314 34.93 -1.68 -30.33
C PHE D 314 35.35 -2.60 -31.47
PA NAD E . -22.24 -22.20 6.82
O1A NAD E . -23.17 -23.20 7.39
O2A NAD E . -21.02 -22.04 7.65
O5B NAD E . -23.00 -20.78 6.69
C5B NAD E . -24.24 -20.64 6.03
C4B NAD E . -24.91 -19.47 6.73
O4B NAD E . -26.07 -19.10 6.01
C3B NAD E . -25.37 -19.84 8.13
O3B NAD E . -24.79 -18.95 9.07
C2B NAD E . -26.88 -19.71 8.10
O2B NAD E . -27.45 -19.23 9.31
C1B NAD E . -27.07 -18.74 6.95
N9A NAD E . -28.43 -18.74 6.38
C8A NAD E . -29.21 -19.83 6.04
N7A NAD E . -30.38 -19.37 5.55
C5A NAD E . -30.36 -18.01 5.56
C6A NAD E . -31.30 -17.05 5.17
N6A NAD E . -32.53 -17.45 4.87
N1A NAD E . -30.98 -15.70 5.31
C2A NAD E . -29.76 -15.31 5.83
N3A NAD E . -28.84 -16.27 6.21
C4A NAD E . -29.14 -17.60 6.08
O3 NAD E . -21.88 -22.62 5.31
PN NAD E . -20.60 -22.04 4.52
O1N NAD E . -19.51 -23.04 4.59
O2N NAD E . -20.39 -20.65 4.98
O5D NAD E . -21.12 -22.08 2.98
C5D NAD E . -22.32 -21.42 2.62
C4D NAD E . -23.22 -22.37 1.84
O4D NAD E . -22.55 -22.93 0.71
C3D NAD E . -23.67 -23.57 2.67
O3D NAD E . -24.79 -23.30 3.46
C2D NAD E . -23.95 -24.61 1.60
O2D NAD E . -25.25 -24.46 1.07
C1D NAD E . -22.92 -24.29 0.54
N1N NAD E . -21.77 -25.19 0.73
C2N NAD E . -20.57 -24.71 1.18
C3N NAD E . -19.48 -25.56 1.36
C7N NAD E . -18.11 -24.99 1.62
O7N NAD E . -17.96 -23.95 2.57
N7N NAD E . -17.06 -25.49 0.98
C4N NAD E . -19.61 -26.91 1.06
C5N NAD E . -20.84 -27.39 0.59
C6N NAD E . -21.92 -26.52 0.43
PA NAD F . 21.67 16.98 -16.71
O1A NAD F . 22.57 17.96 -17.38
O2A NAD F . 20.55 17.65 -16.00
O5B NAD F . 22.52 16.11 -15.66
C5B NAD F . 23.61 15.31 -16.03
C4B NAD F . 24.42 15.13 -14.75
O4B NAD F . 25.52 14.27 -14.96
C3B NAD F . 24.96 16.47 -14.28
O3B NAD F . 24.51 16.73 -12.97
C2B NAD F . 26.47 16.31 -14.29
O2B NAD F . 27.09 16.96 -13.20
C1B NAD F . 26.61 14.79 -14.21
N9A NAD F . 27.92 14.30 -14.67
C8A NAD F . 28.57 14.61 -15.83
N7A NAD F . 29.74 13.94 -15.87
C5A NAD F . 29.84 13.20 -14.75
C6A NAD F . 30.83 12.33 -14.28
N6A NAD F . 31.81 11.99 -15.10
N1A NAD F . 30.65 11.69 -13.05
C2A NAD F . 29.51 11.91 -12.29
N3A NAD F . 28.54 12.77 -12.77
C4A NAD F . 28.70 13.41 -13.97
O3 NAD F . 21.16 15.91 -17.80
PN NAD F . 19.76 15.11 -17.68
O1N NAD F . 18.70 15.92 -18.32
O2N NAD F . 19.61 14.63 -16.29
O5D NAD F . 20.04 13.87 -18.68
C5D NAD F . 21.07 12.93 -18.43
C4D NAD F . 21.93 12.75 -19.69
O4D NAD F . 21.18 12.19 -20.76
C3D NAD F . 22.49 14.06 -20.20
O3D NAD F . 23.74 14.36 -19.64
C2D NAD F . 22.61 13.83 -21.69
O2D NAD F . 23.88 13.28 -21.99
C1D NAD F . 21.53 12.81 -21.99
N1N NAD F . 20.38 13.51 -22.58
C2N NAD F . 19.33 13.91 -21.78
C3N NAD F . 18.22 14.56 -22.31
C7N NAD F . 16.92 14.53 -21.55
O7N NAD F . 16.93 14.69 -20.14
N7N NAD F . 15.77 14.37 -22.21
C4N NAD F . 18.19 14.80 -23.69
C5N NAD F . 19.25 14.38 -24.50
C6N NAD F . 20.34 13.73 -23.93
#